data_4DZ6
#
_entry.id   4DZ6
#
_cell.length_a   78.650
_cell.length_b   81.000
_cell.length_c   181.430
_cell.angle_alpha   90.00
_cell.angle_beta   90.00
_cell.angle_gamma   90.00
#
_symmetry.space_group_name_H-M   'P 21 21 21'
#
loop_
_entity.id
_entity.type
_entity.pdbx_description
1 polymer 'Nucleoside diphosphate kinase'
2 non-polymer "ADENOSINE-5'-DIPHOSPHATE"
3 non-polymer oxido(dioxo)vanadium
4 non-polymer 1,2-ETHANEDIOL
5 non-polymer 'VANADATE ION'
6 water water
#
_entity_poly.entity_id   1
_entity_poly.type   'polypeptide(L)'
_entity_poly.pdbx_seq_one_letter_code
;MAHHHHHHMGTLEAQTQGPGSMSMLLQKTLCIVKPDGVRRGLIGDVVSRFERVGLKMVAAKMLIVDESLAKKHYLYDDIV
FRHSEAVWNSLIKFISNSPVFTFVVEGVESIEVVRKLCGATEPKLAIPGTIRGDFSYHSFKYSNEKGFSIYNVIHASANE
ADAMREIPIWFKDNEILNYKRDDECEHYYC
;
_entity_poly.pdbx_strand_id   A,B,C,D,E,F
#
# COMPACT_ATOMS: atom_id res chain seq x y z
N SER A 23 29.34 -18.03 -4.22
CA SER A 23 29.83 -17.43 -2.94
C SER A 23 29.16 -18.00 -1.69
N MET A 24 29.97 -18.33 -0.69
CA MET A 24 29.47 -18.83 0.60
C MET A 24 28.62 -17.78 1.37
N LEU A 25 28.70 -16.51 0.99
CA LEU A 25 27.82 -15.47 1.60
C LEU A 25 26.36 -15.61 1.19
N LEU A 26 26.11 -16.28 0.07
CA LEU A 26 24.76 -16.68 -0.39
C LEU A 26 24.17 -17.74 0.50
N GLN A 27 23.13 -17.40 1.25
CA GLN A 27 22.55 -18.35 2.19
C GLN A 27 21.10 -18.64 1.86
N LYS A 28 20.63 -19.78 2.35
CA LYS A 28 19.22 -20.10 2.29
C LYS A 28 18.69 -20.17 3.70
N THR A 29 17.52 -19.59 3.92
CA THR A 29 16.90 -19.62 5.23
C THR A 29 15.49 -20.18 5.21
N LEU A 30 15.12 -20.98 6.21
CA LEU A 30 13.77 -21.57 6.29
C LEU A 30 12.79 -20.61 6.98
N CYS A 31 11.69 -20.29 6.30
CA CYS A 31 10.65 -19.44 6.86
C CYS A 31 9.32 -20.20 6.92
N ILE A 32 8.51 -19.86 7.92
CA ILE A 32 7.15 -20.40 8.04
C ILE A 32 6.24 -19.23 8.38
N VAL A 33 5.19 -19.05 7.58
CA VAL A 33 4.08 -18.23 8.01
C VAL A 33 3.24 -19.15 8.90
N LYS A 34 3.19 -18.83 10.20
CA LYS A 34 2.54 -19.64 11.22
C LYS A 34 1.02 -19.66 11.05
N PRO A 35 0.31 -20.56 11.74
CA PRO A 35 -1.15 -20.68 11.57
C PRO A 35 -1.91 -19.38 11.81
N ASP A 36 -1.42 -18.52 12.70
CA ASP A 36 -2.05 -17.21 12.93
C ASP A 36 -1.95 -16.36 11.66
N GLY A 37 -0.76 -16.33 11.06
CA GLY A 37 -0.55 -15.61 9.78
C GLY A 37 -1.46 -16.14 8.67
N VAL A 38 -1.60 -17.46 8.62
CA VAL A 38 -2.43 -18.10 7.59
C VAL A 38 -3.91 -17.79 7.82
N ARG A 39 -4.37 -17.95 9.05
CA ARG A 39 -5.79 -17.77 9.38
C ARG A 39 -6.20 -16.29 9.26
N ARG A 40 -5.22 -15.38 9.37
CA ARG A 40 -5.45 -13.94 9.24
C ARG A 40 -5.30 -13.40 7.80
N GLY A 41 -4.95 -14.28 6.86
CA GLY A 41 -4.78 -13.88 5.45
C GLY A 41 -3.56 -13.01 5.19
N LEU A 42 -2.45 -13.30 5.87
CA LEU A 42 -1.23 -12.49 5.78
C LEU A 42 -0.11 -13.11 4.91
N ILE A 43 -0.37 -14.21 4.20
CA ILE A 43 0.68 -14.86 3.41
C ILE A 43 1.30 -13.85 2.42
N GLY A 44 0.46 -13.23 1.60
CA GLY A 44 0.96 -12.32 0.57
C GLY A 44 1.78 -11.17 1.17
N ASP A 45 1.26 -10.58 2.25
CA ASP A 45 1.98 -9.52 2.97
C ASP A 45 3.37 -9.96 3.38
N VAL A 46 3.47 -11.16 3.95
CA VAL A 46 4.78 -11.66 4.42
C VAL A 46 5.74 -11.85 3.24
N VAL A 47 5.26 -12.54 2.21
CA VAL A 47 6.10 -12.81 1.04
C VAL A 47 6.61 -11.50 0.39
N SER A 48 5.72 -10.53 0.21
CA SER A 48 6.08 -9.24 -0.41
C SER A 48 7.19 -8.55 0.36
N ARG A 49 7.20 -8.66 1.70
CA ARG A 49 8.25 -8.04 2.47
C ARG A 49 9.62 -8.53 2.01
N PHE A 50 9.73 -9.82 1.74
CA PHE A 50 11.00 -10.41 1.30
C PHE A 50 11.30 -10.17 -0.19
N GLU A 51 10.31 -10.33 -1.07
CA GLU A 51 10.50 -9.99 -2.48
C GLU A 51 10.89 -8.52 -2.67
N ARG A 52 10.24 -7.64 -1.93
CA ARG A 52 10.46 -6.19 -2.05
C ARG A 52 11.91 -5.81 -1.73
N VAL A 53 12.53 -6.42 -0.71
CA VAL A 53 13.94 -6.10 -0.39
C VAL A 53 14.92 -6.66 -1.41
N GLY A 54 14.49 -7.64 -2.21
CA GLY A 54 15.33 -8.28 -3.20
C GLY A 54 15.67 -9.73 -2.88
N LEU A 55 15.18 -10.24 -1.74
CA LEU A 55 15.36 -11.66 -1.40
C LEU A 55 14.52 -12.52 -2.34
N LYS A 56 14.97 -13.74 -2.58
CA LYS A 56 14.38 -14.58 -3.61
C LYS A 56 13.73 -15.82 -2.99
N MET A 57 12.45 -16.08 -3.34
CA MET A 57 11.79 -17.31 -2.89
C MET A 57 12.22 -18.48 -3.76
N VAL A 58 12.71 -19.55 -3.14
CA VAL A 58 13.22 -20.70 -3.92
C VAL A 58 12.53 -22.02 -3.60
N ALA A 59 11.45 -21.95 -2.81
CA ALA A 59 10.69 -23.14 -2.43
C ALA A 59 9.55 -22.65 -1.60
N ALA A 60 8.41 -23.32 -1.76
CA ALA A 60 7.23 -23.04 -0.98
C ALA A 60 6.36 -24.27 -0.95
N LYS A 61 5.76 -24.52 0.20
CA LYS A 61 4.67 -25.47 0.30
C LYS A 61 3.72 -25.09 1.44
N MET A 62 2.44 -25.42 1.24
CA MET A 62 1.43 -25.29 2.28
C MET A 62 1.08 -26.67 2.82
N LEU A 63 1.00 -26.80 4.15
CA LEU A 63 0.57 -28.07 4.75
C LEU A 63 -0.08 -27.95 6.12
N ILE A 64 -0.85 -28.97 6.48
CA ILE A 64 -1.28 -29.14 7.86
C ILE A 64 -0.11 -29.82 8.57
N VAL A 65 0.40 -29.23 9.64
CA VAL A 65 1.53 -29.81 10.34
C VAL A 65 1.02 -30.89 11.30
N ASP A 66 1.39 -32.15 11.13
CA ASP A 66 1.07 -33.08 12.21
C ASP A 66 2.11 -33.03 13.33
N GLU A 67 1.78 -33.63 14.46
CA GLU A 67 2.59 -33.56 15.65
C GLU A 67 4.06 -34.00 15.43
N SER A 68 4.25 -35.10 14.69
CA SER A 68 5.60 -35.60 14.44
CA SER A 68 5.60 -35.62 14.40
C SER A 68 6.51 -34.53 13.83
N LEU A 69 6.01 -33.85 12.81
CA LEU A 69 6.75 -32.77 12.16
C LEU A 69 6.97 -31.58 13.09
N ALA A 70 5.92 -31.19 13.82
CA ALA A 70 6.05 -30.13 14.81
C ALA A 70 7.22 -30.44 15.73
N LYS A 71 7.34 -31.71 16.10
CA LYS A 71 8.35 -32.15 17.04
C LYS A 71 9.76 -32.19 16.45
N LYS A 72 9.88 -32.44 15.14
CA LYS A 72 11.19 -32.37 14.46
C LYS A 72 11.66 -30.92 14.33
N HIS A 73 10.73 -29.99 14.11
CA HIS A 73 11.07 -28.60 13.89
C HIS A 73 11.44 -27.89 15.17
N TYR A 74 10.58 -28.00 16.17
CA TYR A 74 10.85 -27.49 17.51
C TYR A 74 11.40 -28.59 18.40
N LEU A 75 12.73 -28.65 18.49
CA LEU A 75 13.38 -29.70 19.28
C LEU A 75 13.15 -29.50 20.77
N TYR A 76 12.69 -30.55 21.41
CA TYR A 76 12.48 -30.57 22.86
C TYR A 76 13.66 -29.98 23.64
N ASP A 77 14.87 -30.48 23.36
CA ASP A 77 16.06 -30.10 24.11
C ASP A 77 16.43 -28.64 23.95
N ASP A 78 16.28 -28.12 22.74
CA ASP A 78 16.54 -26.71 22.47
C ASP A 78 15.57 -25.80 23.22
N ILE A 79 14.28 -25.99 22.97
CA ILE A 79 13.23 -25.16 23.53
C ILE A 79 13.18 -25.24 25.07
N VAL A 80 13.40 -26.43 25.62
CA VAL A 80 13.43 -26.59 27.07
C VAL A 80 14.67 -25.93 27.67
N PHE A 81 15.85 -26.09 27.07
CA PHE A 81 17.03 -25.37 27.58
C PHE A 81 16.83 -23.85 27.52
N ARG A 82 16.34 -23.35 26.39
CA ARG A 82 16.20 -21.90 26.20
C ARG A 82 14.98 -21.28 26.88
N HIS A 83 13.94 -22.07 27.13
CA HIS A 83 12.70 -21.54 27.70
C HIS A 83 12.18 -22.43 28.78
N SER A 84 11.23 -23.30 28.45
CA SER A 84 10.78 -24.31 29.40
C SER A 84 10.08 -25.43 28.66
N GLU A 85 9.69 -26.46 29.40
CA GLU A 85 8.84 -27.52 28.89
C GLU A 85 7.44 -27.01 28.54
N ALA A 86 6.88 -26.15 29.39
CA ALA A 86 5.58 -25.56 29.11
C ALA A 86 5.60 -24.78 27.79
N VAL A 87 6.62 -23.95 27.57
CA VAL A 87 6.76 -23.26 26.28
C VAL A 87 6.77 -24.25 25.10
N TRP A 88 7.57 -25.31 25.20
CA TRP A 88 7.59 -26.39 24.19
C TRP A 88 6.23 -26.99 23.97
N ASN A 89 5.55 -27.37 25.04
CA ASN A 89 4.19 -27.91 24.94
C ASN A 89 3.25 -26.95 24.22
N SER A 90 3.32 -25.66 24.58
CA SER A 90 2.44 -24.64 23.99
C SER A 90 2.75 -24.45 22.50
N LEU A 91 4.02 -24.60 22.15
CA LEU A 91 4.49 -24.48 20.77
C LEU A 91 4.01 -25.62 19.89
N ILE A 92 4.20 -26.84 20.40
CA ILE A 92 3.76 -28.03 19.72
C ILE A 92 2.23 -27.96 19.52
N LYS A 93 1.52 -27.46 20.53
CA LYS A 93 0.06 -27.32 20.46
C LYS A 93 -0.40 -26.27 19.43
N PHE A 94 0.33 -25.15 19.33
CA PHE A 94 0.02 -24.06 18.39
C PHE A 94 0.15 -24.53 16.94
N ILE A 95 1.24 -25.23 16.66
CA ILE A 95 1.57 -25.64 15.30
C ILE A 95 0.81 -26.90 14.87
N SER A 96 0.78 -27.91 15.75
CA SER A 96 0.24 -29.24 15.41
C SER A 96 -1.19 -29.15 14.94
N ASN A 97 -1.44 -29.83 13.81
CA ASN A 97 -2.76 -29.94 13.18
C ASN A 97 -3.33 -28.60 12.73
N SER A 98 -2.45 -27.64 12.46
CA SER A 98 -2.83 -26.35 11.92
C SER A 98 -2.09 -26.08 10.63
N PRO A 99 -2.59 -25.13 9.82
CA PRO A 99 -2.01 -24.82 8.54
C PRO A 99 -0.83 -23.84 8.66
N VAL A 100 0.22 -24.11 7.87
CA VAL A 100 1.35 -23.21 7.76
C VAL A 100 1.69 -23.04 6.29
N PHE A 101 2.35 -21.94 5.95
CA PHE A 101 2.90 -21.76 4.61
C PHE A 101 4.39 -21.68 4.84
N THR A 102 5.10 -22.72 4.42
CA THR A 102 6.55 -22.78 4.61
C THR A 102 7.29 -22.50 3.32
N PHE A 103 8.36 -21.71 3.41
CA PHE A 103 9.08 -21.29 2.20
C PHE A 103 10.55 -21.10 2.51
N VAL A 104 11.37 -21.13 1.45
CA VAL A 104 12.80 -20.93 1.58
C VAL A 104 13.20 -19.68 0.85
N VAL A 105 14.01 -18.85 1.52
CA VAL A 105 14.47 -17.60 0.95
C VAL A 105 15.98 -17.66 0.73
N GLU A 106 16.41 -17.20 -0.45
CA GLU A 106 17.81 -17.19 -0.82
C GLU A 106 18.32 -15.75 -0.97
N GLY A 107 19.52 -15.49 -0.46
CA GLY A 107 20.21 -14.23 -0.77
C GLY A 107 21.50 -14.03 -0.01
N VAL A 108 22.10 -12.86 -0.23
CA VAL A 108 23.37 -12.49 0.39
C VAL A 108 23.13 -12.34 1.90
N GLU A 109 23.80 -13.17 2.69
CA GLU A 109 23.60 -13.20 4.14
C GLU A 109 22.10 -13.13 4.49
N SER A 110 21.33 -14.03 3.88
CA SER A 110 19.88 -13.93 3.95
C SER A 110 19.36 -14.25 5.35
N ILE A 111 20.03 -15.14 6.08
CA ILE A 111 19.56 -15.59 7.37
C ILE A 111 19.45 -14.39 8.32
N GLU A 112 20.55 -13.63 8.43
CA GLU A 112 20.54 -12.39 9.22
C GLU A 112 19.52 -11.35 8.71
N VAL A 113 19.45 -11.14 7.40
CA VAL A 113 18.55 -10.11 6.86
C VAL A 113 17.09 -10.48 7.15
N VAL A 114 16.74 -11.75 6.94
CA VAL A 114 15.38 -12.21 7.22
C VAL A 114 15.04 -12.04 8.69
N ARG A 115 15.99 -12.32 9.57
CA ARG A 115 15.79 -12.10 11.01
C ARG A 115 15.49 -10.64 11.33
N LYS A 116 16.21 -9.74 10.67
CA LYS A 116 16.00 -8.29 10.84
C LYS A 116 14.60 -7.89 10.37
N LEU A 117 14.19 -8.43 9.23
CA LEU A 117 12.88 -8.12 8.68
C LEU A 117 11.73 -8.63 9.55
N CYS A 118 11.92 -9.75 10.23
CA CYS A 118 10.89 -10.29 11.14
C CYS A 118 10.66 -9.46 12.42
N GLY A 119 11.75 -9.04 13.05
CA GLY A 119 11.68 -8.33 14.33
C GLY A 119 11.72 -9.26 15.53
N ALA A 120 11.78 -8.67 16.72
CA ALA A 120 11.89 -9.43 17.97
C ALA A 120 10.76 -10.47 18.14
N THR A 121 11.08 -11.54 18.86
CA THR A 121 10.17 -12.63 19.15
C THR A 121 8.85 -12.13 19.73
N GLU A 122 8.94 -11.27 20.74
CA GLU A 122 7.76 -10.73 21.41
C GLU A 122 7.13 -9.59 20.59
N PRO A 123 5.92 -9.79 20.05
CA PRO A 123 5.29 -8.74 19.24
C PRO A 123 5.17 -7.40 19.99
N LYS A 124 4.78 -7.42 21.27
CA LYS A 124 4.76 -6.17 22.05
C LYS A 124 6.00 -5.29 21.80
N LEU A 125 7.18 -5.91 21.77
CA LEU A 125 8.44 -5.18 21.62
C LEU A 125 9.00 -5.13 20.20
N ALA A 126 8.39 -5.86 19.26
CA ALA A 126 8.88 -5.81 17.88
C ALA A 126 8.70 -4.43 17.25
N ILE A 127 9.77 -3.95 16.66
CA ILE A 127 9.83 -2.60 16.16
C ILE A 127 8.93 -2.39 14.95
N PRO A 128 8.23 -1.25 14.90
CA PRO A 128 7.41 -0.93 13.73
C PRO A 128 8.25 -0.95 12.47
N GLY A 129 7.69 -1.44 11.37
CA GLY A 129 8.43 -1.62 10.15
C GLY A 129 8.79 -3.07 9.94
N THR A 130 9.01 -3.81 11.04
CA THR A 130 9.25 -5.25 10.93
C THR A 130 7.92 -6.00 10.76
N ILE A 131 7.98 -7.25 10.31
CA ILE A 131 6.77 -8.06 10.14
C ILE A 131 5.99 -8.22 11.46
N ARG A 132 6.68 -8.62 12.52
CA ARG A 132 5.98 -8.86 13.77
C ARG A 132 5.50 -7.55 14.38
N GLY A 133 6.27 -6.49 14.17
CA GLY A 133 5.90 -5.18 14.67
C GLY A 133 4.67 -4.59 13.99
N ASP A 134 4.53 -4.82 12.69
CA ASP A 134 3.41 -4.28 11.93
C ASP A 134 2.12 -5.12 12.05
N PHE A 135 2.26 -6.42 12.28
CA PHE A 135 1.13 -7.35 12.18
C PHE A 135 0.70 -8.10 13.45
N SER A 136 1.44 -7.96 14.54
CA SER A 136 1.04 -8.57 15.83
C SER A 136 1.46 -7.67 16.98
N TYR A 137 0.94 -7.91 18.18
CA TYR A 137 1.25 -6.99 19.29
C TYR A 137 1.24 -7.60 20.71
N HIS A 138 0.78 -8.83 20.89
CA HIS A 138 0.65 -9.34 22.26
C HIS A 138 1.97 -9.71 22.94
N SER A 139 1.93 -9.86 24.27
CA SER A 139 3.14 -9.94 25.10
C SER A 139 3.41 -11.32 25.69
N PHE A 140 4.66 -11.54 26.10
CA PHE A 140 5.08 -12.71 26.86
C PHE A 140 4.27 -12.83 28.16
N LYS A 141 4.09 -11.71 28.84
CA LYS A 141 3.38 -11.66 30.12
C LYS A 141 1.96 -12.23 29.94
N TYR A 142 1.30 -11.83 28.85
CA TYR A 142 -0.07 -12.27 28.58
C TYR A 142 -0.11 -13.74 28.16
N SER A 143 0.88 -14.18 27.38
CA SER A 143 0.97 -15.58 26.99
C SER A 143 1.21 -16.51 28.18
N ASN A 144 2.06 -16.08 29.11
CA ASN A 144 2.22 -16.78 30.38
C ASN A 144 0.92 -16.85 31.21
N GLU A 145 0.23 -15.71 31.31
CA GLU A 145 -1.03 -15.66 32.05
C GLU A 145 -2.05 -16.69 31.55
N LYS A 146 -2.11 -16.82 30.22
CA LYS A 146 -3.11 -17.68 29.58
C LYS A 146 -2.62 -19.09 29.25
N GLY A 147 -1.29 -19.26 29.20
CA GLY A 147 -0.67 -20.57 28.96
C GLY A 147 -0.76 -21.02 27.50
N PHE A 148 -0.48 -20.10 26.59
CA PHE A 148 -0.49 -20.35 25.16
C PHE A 148 0.81 -19.82 24.60
N SER A 149 1.26 -20.37 23.49
CA SER A 149 2.40 -19.84 22.76
C SER A 149 2.16 -18.39 22.34
N ILE A 150 3.25 -17.65 22.16
CA ILE A 150 3.17 -16.36 21.51
C ILE A 150 2.85 -16.65 20.04
N TYR A 151 1.98 -15.80 19.48
CA TYR A 151 1.56 -15.88 18.08
C TYR A 151 2.20 -14.71 17.35
N ASN A 152 3.32 -14.97 16.68
CA ASN A 152 4.11 -13.87 16.12
C ASN A 152 4.33 -14.00 14.61
N VAL A 153 3.32 -14.57 13.94
CA VAL A 153 3.09 -14.51 12.50
C VAL A 153 4.03 -15.40 11.69
N ILE A 154 5.32 -15.36 12.02
CA ILE A 154 6.34 -15.95 11.19
C ILE A 154 7.49 -16.57 12.01
N HIS A 155 8.04 -17.67 11.48
CA HIS A 155 9.29 -18.25 11.96
C HIS A 155 10.36 -18.03 10.92
N ALA A 156 11.58 -17.73 11.36
CA ALA A 156 12.73 -17.75 10.45
C ALA A 156 13.93 -18.40 11.16
N SER A 157 14.66 -19.27 10.47
CA SER A 157 15.93 -19.81 11.03
C SER A 157 16.80 -18.77 11.75
N ALA A 158 17.29 -19.11 12.93
CA ALA A 158 18.04 -18.14 13.73
C ALA A 158 19.47 -17.95 13.23
N ASN A 159 20.03 -18.97 12.59
CA ASN A 159 21.43 -18.93 12.22
C ASN A 159 21.72 -20.05 11.23
N GLU A 160 22.97 -20.14 10.81
CA GLU A 160 23.39 -21.06 9.75
C GLU A 160 23.18 -22.53 10.06
N ALA A 161 23.54 -22.94 11.29
CA ALA A 161 23.31 -24.32 11.75
C ALA A 161 21.82 -24.66 11.74
N ASP A 162 20.98 -23.75 12.27
CA ASP A 162 19.53 -23.96 12.29
C ASP A 162 18.94 -24.05 10.89
N ALA A 163 19.33 -23.15 9.99
CA ALA A 163 18.84 -23.18 8.59
C ALA A 163 19.20 -24.50 7.93
N MET A 164 20.41 -24.99 8.17
CA MET A 164 20.84 -26.27 7.65
C MET A 164 20.05 -27.47 8.18
N ARG A 165 19.73 -27.46 9.47
CA ARG A 165 18.86 -28.49 10.04
C ARG A 165 17.41 -28.36 9.56
N GLU A 166 16.89 -27.14 9.56
CA GLU A 166 15.45 -26.91 9.33
C GLU A 166 15.03 -27.15 7.89
N ILE A 167 15.79 -26.65 6.91
CA ILE A 167 15.37 -26.80 5.50
C ILE A 167 14.97 -28.24 5.11
N PRO A 168 15.86 -29.25 5.29
CA PRO A 168 15.51 -30.63 4.86
C PRO A 168 14.33 -31.29 5.63
N ILE A 169 14.02 -30.79 6.81
CA ILE A 169 12.85 -31.27 7.53
C ILE A 169 11.59 -30.92 6.75
N TRP A 170 11.59 -29.76 6.11
CA TRP A 170 10.43 -29.27 5.39
C TRP A 170 10.47 -29.52 3.91
N PHE A 171 11.65 -29.54 3.31
CA PHE A 171 11.76 -29.67 1.85
C PHE A 171 12.74 -30.77 1.45
N LYS A 172 12.33 -31.61 0.50
CA LYS A 172 13.26 -32.47 -0.21
C LYS A 172 14.17 -31.62 -1.08
N ASP A 173 15.40 -32.10 -1.28
CA ASP A 173 16.41 -31.46 -2.13
C ASP A 173 15.85 -30.93 -3.47
N ASN A 174 15.02 -31.72 -4.14
CA ASN A 174 14.51 -31.32 -5.46
C ASN A 174 13.31 -30.37 -5.41
N GLU A 175 13.07 -29.78 -4.24
CA GLU A 175 12.01 -28.80 -4.08
C GLU A 175 12.61 -27.40 -3.91
N ILE A 176 13.93 -27.36 -3.87
CA ILE A 176 14.71 -26.12 -3.76
C ILE A 176 15.13 -25.72 -5.17
N LEU A 177 14.60 -24.60 -5.65
CA LEU A 177 14.65 -24.20 -7.05
C LEU A 177 15.87 -23.33 -7.38
N ASN A 178 16.38 -23.45 -8.59
CA ASN A 178 17.46 -22.56 -9.03
CA ASN A 178 17.48 -22.60 -9.07
C ASN A 178 16.98 -21.74 -10.23
N TYR A 179 16.95 -20.44 -10.07
CA TYR A 179 16.57 -19.57 -11.19
C TYR A 179 17.05 -18.17 -10.89
N LYS A 180 16.94 -17.27 -11.86
CA LYS A 180 17.38 -15.90 -11.68
C LYS A 180 16.20 -14.95 -11.55
N ARG A 181 16.17 -14.20 -10.45
CA ARG A 181 15.27 -13.06 -10.37
C ARG A 181 15.72 -11.97 -11.38
N ASP A 182 14.78 -11.21 -11.95
CA ASP A 182 15.14 -10.17 -12.95
C ASP A 182 16.02 -9.06 -12.39
N ASP A 183 15.94 -8.83 -11.08
CA ASP A 183 16.79 -7.82 -10.43
C ASP A 183 18.11 -8.40 -9.90
N GLU A 184 18.45 -9.64 -10.29
CA GLU A 184 19.66 -10.30 -9.75
C GLU A 184 20.95 -9.46 -9.81
N CYS A 185 21.17 -8.73 -10.90
CA CYS A 185 22.42 -7.96 -11.07
C CYS A 185 22.54 -6.83 -10.05
N GLU A 186 21.42 -6.44 -9.43
CA GLU A 186 21.41 -5.38 -8.44
C GLU A 186 21.76 -5.89 -7.04
N HIS A 187 21.56 -7.18 -6.81
CA HIS A 187 21.80 -7.83 -5.51
C HIS A 187 23.04 -8.68 -5.47
N TYR A 188 23.15 -9.60 -6.43
CA TYR A 188 24.30 -10.50 -6.55
C TYR A 188 25.43 -9.92 -7.41
N TYR A 189 25.11 -8.87 -8.18
CA TYR A 189 25.99 -8.30 -9.18
C TYR A 189 26.06 -9.25 -10.36
N CYS A 190 26.33 -8.70 -11.55
CA CYS A 190 26.57 -9.50 -12.75
C CYS A 190 27.86 -9.09 -13.42
N SER B 23 -22.72 -26.79 0.32
CA SER B 23 -23.28 -25.99 -0.83
C SER B 23 -22.47 -26.15 -2.12
N MET B 24 -23.18 -26.42 -3.21
CA MET B 24 -22.62 -26.53 -4.57
C MET B 24 -21.82 -25.28 -5.01
N LEU B 25 -22.12 -24.13 -4.41
CA LEU B 25 -21.47 -22.90 -4.81
C LEU B 25 -20.01 -22.77 -4.36
N LEU B 26 -19.61 -23.57 -3.37
CA LEU B 26 -18.24 -23.58 -2.88
C LEU B 26 -17.36 -24.23 -3.92
N GLN B 27 -16.39 -23.48 -4.45
CA GLN B 27 -15.52 -24.00 -5.49
C GLN B 27 -14.03 -23.83 -5.21
N LYS B 28 -13.22 -24.65 -5.88
CA LYS B 28 -11.76 -24.53 -5.87
C LYS B 28 -11.28 -24.26 -7.26
N THR B 29 -10.29 -23.38 -7.36
CA THR B 29 -9.72 -23.05 -8.67
C THR B 29 -8.21 -23.08 -8.63
N LEU B 30 -7.60 -23.44 -9.76
CA LEU B 30 -6.15 -23.52 -9.83
C LEU B 30 -5.53 -22.24 -10.37
N CYS B 31 -4.58 -21.69 -9.62
CA CYS B 31 -3.85 -20.49 -10.05
C CYS B 31 -2.37 -20.75 -10.17
N ILE B 32 -1.76 -20.05 -11.12
CA ILE B 32 -0.32 -20.09 -11.24
C ILE B 32 0.21 -18.67 -11.35
N VAL B 33 1.15 -18.28 -10.46
CA VAL B 33 1.98 -17.12 -10.73
C VAL B 33 3.02 -17.59 -11.76
N LYS B 34 2.90 -17.09 -12.99
CA LYS B 34 3.73 -17.55 -14.10
C LYS B 34 5.19 -17.09 -13.98
N PRO B 35 6.09 -17.60 -14.86
CA PRO B 35 7.50 -17.20 -14.72
C PRO B 35 7.78 -15.70 -14.71
N ASP B 36 7.05 -14.92 -15.50
CA ASP B 36 7.19 -13.46 -15.46
C ASP B 36 6.88 -12.92 -14.04
N GLY B 37 5.74 -13.31 -13.47
CA GLY B 37 5.38 -12.92 -12.09
C GLY B 37 6.46 -13.27 -11.06
N VAL B 38 6.97 -14.50 -11.12
CA VAL B 38 7.97 -14.96 -10.17
C VAL B 38 9.27 -14.17 -10.34
N ARG B 39 9.74 -14.05 -11.60
CA ARG B 39 11.00 -13.38 -11.88
C ARG B 39 10.95 -11.89 -11.53
N ARG B 40 9.75 -11.33 -11.55
CA ARG B 40 9.56 -9.90 -11.23
C ARG B 40 9.29 -9.66 -9.72
N GLY B 41 9.24 -10.73 -8.94
CA GLY B 41 9.05 -10.59 -7.49
C GLY B 41 7.64 -10.18 -7.12
N LEU B 42 6.66 -10.75 -7.83
CA LEU B 42 5.26 -10.39 -7.66
C LEU B 42 4.35 -11.43 -6.95
N ILE B 43 4.93 -12.49 -6.37
CA ILE B 43 4.10 -13.52 -5.72
C ILE B 43 3.28 -12.99 -4.53
N GLY B 44 3.92 -12.22 -3.66
CA GLY B 44 3.22 -11.68 -2.49
C GLY B 44 2.07 -10.84 -2.99
N ASP B 45 2.34 -9.97 -3.97
CA ASP B 45 1.32 -9.07 -4.52
C ASP B 45 0.10 -9.85 -4.95
N VAL B 46 0.33 -10.92 -5.71
CA VAL B 46 -0.76 -11.69 -6.30
C VAL B 46 -1.58 -12.38 -5.21
N VAL B 47 -0.90 -13.04 -4.28
CA VAL B 47 -1.56 -13.76 -3.20
C VAL B 47 -2.42 -12.81 -2.35
N SER B 48 -1.88 -11.65 -2.01
CA SER B 48 -2.62 -10.63 -1.26
C SER B 48 -3.95 -10.23 -1.91
N ARG B 49 -3.98 -10.13 -3.24
CA ARG B 49 -5.22 -9.76 -3.94
C ARG B 49 -6.35 -10.74 -3.56
N PHE B 50 -6.04 -12.03 -3.56
CA PHE B 50 -7.04 -13.06 -3.19
C PHE B 50 -7.37 -13.10 -1.69
N GLU B 51 -6.34 -13.09 -0.85
CA GLU B 51 -6.57 -13.02 0.61
C GLU B 51 -7.43 -11.84 1.01
N ARG B 52 -7.20 -10.70 0.37
CA ARG B 52 -7.88 -9.45 0.73
C ARG B 52 -9.39 -9.46 0.47
N VAL B 53 -9.87 -10.13 -0.58
CA VAL B 53 -11.32 -10.18 -0.84
C VAL B 53 -12.00 -11.19 0.05
N GLY B 54 -11.22 -12.06 0.70
CA GLY B 54 -11.78 -13.16 1.49
C GLY B 54 -11.65 -14.57 0.94
N LEU B 55 -11.01 -14.72 -0.21
CA LEU B 55 -10.71 -16.04 -0.75
C LEU B 55 -9.61 -16.71 0.07
N LYS B 56 -9.66 -18.04 0.13
CA LYS B 56 -8.82 -18.83 0.99
C LYS B 56 -7.78 -19.67 0.25
N MET B 57 -6.52 -19.51 0.61
CA MET B 57 -5.43 -20.31 0.03
C MET B 57 -5.50 -21.70 0.65
N VAL B 58 -5.68 -22.74 -0.16
CA VAL B 58 -5.78 -24.12 0.40
C VAL B 58 -4.73 -25.12 -0.13
N ALA B 59 -3.76 -24.59 -0.88
CA ALA B 59 -2.64 -25.37 -1.44
C ALA B 59 -1.65 -24.39 -2.08
N ALA B 60 -0.37 -24.74 -1.99
CA ALA B 60 0.68 -23.96 -2.65
C ALA B 60 1.93 -24.80 -2.86
N LYS B 61 2.51 -24.67 -4.05
CA LYS B 61 3.86 -25.17 -4.27
C LYS B 61 4.61 -24.38 -5.32
N MET B 62 5.93 -24.36 -5.16
CA MET B 62 6.79 -23.72 -6.14
C MET B 62 7.56 -24.81 -6.87
N LEU B 63 7.69 -24.70 -8.19
CA LEU B 63 8.48 -25.66 -8.92
C LEU B 63 8.99 -25.12 -10.26
N ILE B 64 10.05 -25.75 -10.78
CA ILE B 64 10.50 -25.54 -12.16
C ILE B 64 9.67 -26.54 -12.96
N VAL B 65 8.91 -26.05 -13.91
CA VAL B 65 7.99 -26.89 -14.69
C VAL B 65 8.76 -27.57 -15.80
N ASP B 66 8.75 -28.89 -15.83
CA ASP B 66 9.35 -29.52 -16.99
C ASP B 66 8.32 -29.69 -18.12
N GLU B 67 8.82 -30.06 -19.29
CA GLU B 67 8.05 -30.14 -20.53
C GLU B 67 6.73 -30.93 -20.44
N SER B 68 6.77 -32.12 -19.86
CA SER B 68 5.56 -32.95 -19.82
C SER B 68 4.51 -32.35 -18.91
N LEU B 69 4.93 -31.69 -17.83
CA LEU B 69 3.98 -31.02 -16.98
C LEU B 69 3.32 -29.85 -17.72
N ALA B 70 4.14 -29.05 -18.39
CA ALA B 70 3.63 -27.91 -19.17
C ALA B 70 2.59 -28.37 -20.20
N LYS B 71 2.90 -29.47 -20.89
CA LYS B 71 2.01 -30.04 -21.92
C LYS B 71 0.79 -30.77 -21.33
N LYS B 72 0.78 -30.98 -20.01
CA LYS B 72 -0.38 -31.52 -19.31
C LYS B 72 -1.30 -30.35 -18.93
N HIS B 73 -0.71 -29.31 -18.35
CA HIS B 73 -1.46 -28.13 -18.00
C HIS B 73 -2.10 -27.49 -19.20
N TYR B 74 -1.29 -27.23 -20.23
CA TYR B 74 -1.76 -26.68 -21.51
C TYR B 74 -1.85 -27.81 -22.54
N LEU B 75 -3.03 -28.43 -22.66
CA LEU B 75 -3.26 -29.56 -23.55
C LEU B 75 -3.24 -29.13 -25.00
N TYR B 76 -2.47 -29.84 -25.80
CA TYR B 76 -2.36 -29.51 -27.21
C TYR B 76 -3.72 -29.29 -27.84
N ASP B 77 -4.65 -30.22 -27.64
CA ASP B 77 -5.94 -30.12 -28.34
C ASP B 77 -6.78 -28.92 -27.86
N ASP B 78 -6.75 -28.60 -26.56
CA ASP B 78 -7.54 -27.46 -26.05
C ASP B 78 -7.04 -26.16 -26.63
N ILE B 79 -5.71 -26.02 -26.64
CA ILE B 79 -5.09 -24.77 -27.06
C ILE B 79 -5.17 -24.57 -28.57
N VAL B 80 -4.96 -25.63 -29.35
CA VAL B 80 -5.05 -25.49 -30.80
C VAL B 80 -6.49 -25.12 -31.18
N PHE B 81 -7.45 -25.82 -30.58
CA PHE B 81 -8.88 -25.55 -30.74
C PHE B 81 -9.28 -24.12 -30.39
N ARG B 82 -9.08 -23.71 -29.14
CA ARG B 82 -9.41 -22.34 -28.70
C ARG B 82 -8.52 -21.24 -29.33
N HIS B 83 -7.32 -21.61 -29.81
CA HIS B 83 -6.38 -20.62 -30.39
C HIS B 83 -5.70 -21.13 -31.61
N SER B 84 -4.44 -21.55 -31.49
CA SER B 84 -3.70 -22.14 -32.62
C SER B 84 -2.50 -22.97 -32.15
N GLU B 85 -1.82 -23.61 -33.10
CA GLU B 85 -0.63 -24.41 -32.79
C GLU B 85 0.56 -23.54 -32.36
N ALA B 86 0.77 -22.44 -33.08
CA ALA B 86 1.83 -21.48 -32.77
C ALA B 86 1.68 -20.92 -31.35
N VAL B 87 0.43 -20.65 -30.93
CA VAL B 87 0.14 -20.20 -29.56
C VAL B 87 0.52 -21.27 -28.53
N TRP B 88 0.18 -22.52 -28.83
CA TRP B 88 0.53 -23.63 -27.97
C TRP B 88 2.02 -23.72 -27.80
N ASN B 89 2.74 -23.72 -28.91
CA ASN B 89 4.19 -23.81 -28.86
C ASN B 89 4.81 -22.71 -28.01
N SER B 90 4.33 -21.48 -28.18
CA SER B 90 4.89 -20.38 -27.41
C SER B 90 4.48 -20.43 -25.91
N LEU B 91 3.30 -20.95 -25.60
CA LEU B 91 2.94 -21.21 -24.19
C LEU B 91 3.90 -22.24 -23.57
N ILE B 92 4.15 -23.34 -24.28
CA ILE B 92 5.07 -24.38 -23.79
C ILE B 92 6.46 -23.80 -23.55
N LYS B 93 6.99 -23.06 -24.53
CA LYS B 93 8.28 -22.38 -24.41
C LYS B 93 8.35 -21.50 -23.17
N PHE B 94 7.37 -20.62 -22.99
CA PHE B 94 7.30 -19.71 -21.82
C PHE B 94 7.36 -20.45 -20.46
N ILE B 95 6.55 -21.50 -20.34
CA ILE B 95 6.40 -22.23 -19.08
C ILE B 95 7.52 -23.25 -18.78
N SER B 96 7.87 -24.06 -19.78
CA SER B 96 8.81 -25.19 -19.61
C SER B 96 10.14 -24.70 -19.12
N ASN B 97 10.72 -25.45 -18.18
CA ASN B 97 12.02 -25.17 -17.58
C ASN B 97 12.09 -23.82 -16.86
N SER B 98 10.93 -23.29 -16.47
CA SER B 98 10.90 -22.00 -15.74
C SER B 98 10.17 -22.12 -14.41
N PRO B 99 10.40 -21.18 -13.47
CA PRO B 99 9.77 -21.28 -12.15
C PRO B 99 8.33 -20.75 -12.12
N VAL B 100 7.44 -21.48 -11.46
CA VAL B 100 6.09 -20.99 -11.23
C VAL B 100 5.78 -21.15 -9.75
N PHE B 101 4.82 -20.36 -9.27
CA PHE B 101 4.29 -20.57 -7.95
C PHE B 101 2.81 -20.89 -8.15
N THR B 102 2.46 -22.12 -7.86
CA THR B 102 1.10 -22.62 -8.08
C THR B 102 0.32 -22.76 -6.79
N PHE B 103 -0.95 -22.38 -6.82
CA PHE B 103 -1.80 -22.46 -5.65
C PHE B 103 -3.25 -22.70 -6.00
N VAL B 104 -3.98 -23.18 -5.00
CA VAL B 104 -5.41 -23.37 -5.12
C VAL B 104 -6.12 -22.41 -4.20
N VAL B 105 -7.15 -21.76 -4.74
CA VAL B 105 -8.00 -20.83 -3.99
C VAL B 105 -9.39 -21.43 -3.82
N GLU B 106 -9.94 -21.32 -2.62
CA GLU B 106 -11.30 -21.81 -2.34
C GLU B 106 -12.25 -20.68 -1.93
N GLY B 107 -13.49 -20.73 -2.42
CA GLY B 107 -14.53 -19.83 -1.94
C GLY B 107 -15.85 -19.98 -2.68
N VAL B 108 -16.83 -19.19 -2.24
CA VAL B 108 -18.09 -19.04 -2.94
C VAL B 108 -17.89 -18.60 -4.39
N GLU B 109 -18.26 -19.46 -5.33
CA GLU B 109 -18.15 -19.19 -6.76
C GLU B 109 -16.74 -18.65 -7.12
N SER B 110 -15.71 -19.26 -6.55
CA SER B 110 -14.36 -18.70 -6.60
C SER B 110 -13.84 -18.65 -8.03
N ILE B 111 -14.30 -19.57 -8.87
CA ILE B 111 -13.78 -19.65 -10.23
C ILE B 111 -14.05 -18.34 -10.96
N GLU B 112 -15.32 -17.93 -11.03
CA GLU B 112 -15.69 -16.66 -11.66
C GLU B 112 -15.03 -15.46 -10.96
N VAL B 113 -14.98 -15.49 -9.62
CA VAL B 113 -14.39 -14.35 -8.86
C VAL B 113 -12.88 -14.17 -9.13
N VAL B 114 -12.12 -15.26 -9.11
CA VAL B 114 -10.69 -15.21 -9.43
C VAL B 114 -10.47 -14.66 -10.85
N ARG B 115 -11.25 -15.13 -11.83
CA ARG B 115 -11.20 -14.58 -13.19
C ARG B 115 -11.39 -13.07 -13.19
N LYS B 116 -12.45 -12.60 -12.54
CA LYS B 116 -12.69 -11.15 -12.38
C LYS B 116 -11.45 -10.43 -11.83
N LEU B 117 -10.79 -11.00 -10.82
CA LEU B 117 -9.64 -10.32 -10.19
C LEU B 117 -8.39 -10.31 -11.07
N CYS B 118 -8.27 -11.32 -11.92
CA CYS B 118 -7.15 -11.40 -12.83
C CYS B 118 -7.21 -10.36 -13.95
N GLY B 119 -8.40 -10.14 -14.49
CA GLY B 119 -8.61 -9.26 -15.67
C GLY B 119 -8.42 -10.01 -16.97
N ALA B 120 -8.77 -9.37 -18.08
CA ALA B 120 -8.62 -9.92 -19.43
C ALA B 120 -7.24 -10.54 -19.70
N THR B 121 -7.21 -11.60 -20.50
CA THR B 121 -5.96 -12.26 -20.91
C THR B 121 -4.90 -11.25 -21.38
N GLU B 122 -5.32 -10.30 -22.22
CA GLU B 122 -4.38 -9.35 -22.81
C GLU B 122 -4.14 -8.19 -21.85
N PRO B 123 -2.87 -8.05 -21.38
CA PRO B 123 -2.49 -6.99 -20.45
C PRO B 123 -2.84 -5.57 -20.96
N LYS B 124 -2.67 -5.32 -22.26
CA LYS B 124 -3.03 -4.05 -22.87
C LYS B 124 -4.45 -3.59 -22.54
N LEU B 125 -5.42 -4.49 -22.65
CA LEU B 125 -6.82 -4.18 -22.36
C LEU B 125 -7.31 -4.49 -20.94
N ALA B 126 -6.57 -5.30 -20.20
CA ALA B 126 -6.93 -5.60 -18.81
C ALA B 126 -7.13 -4.32 -18.00
N ILE B 127 -8.28 -4.24 -17.33
CA ILE B 127 -8.76 -3.06 -16.63
C ILE B 127 -7.93 -2.77 -15.38
N PRO B 128 -7.61 -1.47 -15.14
CA PRO B 128 -6.90 -1.10 -13.92
C PRO B 128 -7.68 -1.57 -12.70
N GLY B 129 -6.98 -2.03 -11.67
CA GLY B 129 -7.65 -2.65 -10.51
C GLY B 129 -7.54 -4.17 -10.46
N THR B 130 -7.41 -4.80 -11.63
CA THR B 130 -7.16 -6.23 -11.71
C THR B 130 -5.66 -6.51 -11.65
N ILE B 131 -5.28 -7.76 -11.44
CA ILE B 131 -3.87 -8.13 -11.40
C ILE B 131 -3.16 -7.81 -12.72
N ARG B 132 -3.72 -8.25 -13.82
CA ARG B 132 -3.12 -8.00 -15.14
C ARG B 132 -3.07 -6.52 -15.51
N GLY B 133 -4.13 -5.78 -15.16
CA GLY B 133 -4.19 -4.33 -15.42
C GLY B 133 -3.20 -3.49 -14.62
N ASP B 134 -2.93 -3.91 -13.37
CA ASP B 134 -2.00 -3.21 -12.50
C ASP B 134 -0.52 -3.61 -12.68
N PHE B 135 -0.26 -4.85 -13.11
CA PHE B 135 1.10 -5.38 -13.13
C PHE B 135 1.74 -5.71 -14.50
N SER B 136 0.99 -5.59 -15.59
CA SER B 136 1.53 -5.88 -16.94
C SER B 136 0.80 -5.03 -17.96
N TYR B 137 1.27 -4.98 -19.22
CA TYR B 137 0.64 -4.08 -20.19
C TYR B 137 0.79 -4.44 -21.67
N HIS B 138 1.71 -5.33 -22.04
CA HIS B 138 1.97 -5.51 -23.49
C HIS B 138 0.82 -6.20 -24.18
N SER B 139 0.84 -6.22 -25.51
CA SER B 139 -0.34 -6.61 -26.30
C SER B 139 -0.16 -7.88 -27.11
N PHE B 140 -1.29 -8.49 -27.47
CA PHE B 140 -1.33 -9.61 -28.41
C PHE B 140 -0.60 -9.26 -29.73
N LYS B 141 -0.90 -8.08 -30.28
CA LYS B 141 -0.23 -7.65 -31.51
C LYS B 141 1.29 -7.77 -31.39
N TYR B 142 1.84 -7.31 -30.26
CA TYR B 142 3.29 -7.39 -30.07
C TYR B 142 3.81 -8.83 -29.90
N SER B 143 3.13 -9.63 -29.08
CA SER B 143 3.53 -11.02 -28.86
C SER B 143 3.54 -11.81 -30.17
N ASN B 144 2.53 -11.57 -31.01
CA ASN B 144 2.44 -12.14 -32.34
C ASN B 144 3.55 -11.69 -33.27
N GLU B 145 3.84 -10.39 -33.25
CA GLU B 145 4.96 -9.84 -34.03
C GLU B 145 6.29 -10.50 -33.61
N LYS B 146 6.51 -10.63 -32.30
CA LYS B 146 7.76 -11.19 -31.77
C LYS B 146 7.79 -12.73 -31.73
N GLY B 147 6.63 -13.37 -31.83
CA GLY B 147 6.54 -14.85 -31.70
C GLY B 147 6.76 -15.40 -30.29
N PHE B 148 6.36 -14.67 -29.26
CA PHE B 148 6.44 -15.18 -27.88
C PHE B 148 5.03 -15.23 -27.33
N SER B 149 4.83 -15.95 -26.24
CA SER B 149 3.58 -15.95 -25.52
C SER B 149 3.32 -14.57 -24.89
N ILE B 150 2.06 -14.20 -24.72
CA ILE B 150 1.73 -13.06 -23.86
C ILE B 150 2.26 -13.35 -22.45
N TYR B 151 2.96 -12.41 -21.81
CA TYR B 151 3.38 -12.58 -20.41
C TYR B 151 2.42 -11.76 -19.56
N ASN B 152 1.48 -12.46 -18.93
CA ASN B 152 0.37 -11.81 -18.24
C ASN B 152 0.23 -12.27 -16.79
N VAL B 153 1.37 -12.62 -16.19
CA VAL B 153 1.53 -12.72 -14.73
C VAL B 153 0.92 -13.95 -14.07
N ILE B 154 -0.32 -14.29 -14.41
CA ILE B 154 -1.09 -15.28 -13.65
C ILE B 154 -1.96 -16.15 -14.56
N HIS B 155 -2.02 -17.45 -14.30
CA HIS B 155 -3.05 -18.33 -14.87
C HIS B 155 -4.10 -18.56 -13.83
N ALA B 156 -5.35 -18.71 -14.26
CA ALA B 156 -6.44 -19.24 -13.40
C ALA B 156 -7.43 -20.06 -14.23
N SER B 157 -7.92 -21.17 -13.68
CA SER B 157 -8.86 -22.06 -14.38
C SER B 157 -9.98 -21.24 -14.98
N ALA B 158 -10.28 -21.48 -16.25
CA ALA B 158 -11.26 -20.68 -17.01
C ALA B 158 -12.68 -21.00 -16.59
N ASN B 159 -12.91 -22.21 -16.09
CA ASN B 159 -14.25 -22.67 -15.70
C ASN B 159 -14.14 -23.90 -14.82
N GLU B 160 -15.31 -24.46 -14.49
CA GLU B 160 -15.43 -25.54 -13.52
C GLU B 160 -14.76 -26.84 -13.98
N ALA B 161 -14.99 -27.21 -15.24
CA ALA B 161 -14.37 -28.38 -15.83
C ALA B 161 -12.83 -28.25 -15.90
N ASP B 162 -12.33 -27.10 -16.32
CA ASP B 162 -10.89 -26.82 -16.27
C ASP B 162 -10.34 -26.94 -14.85
N ALA B 163 -11.03 -26.35 -13.87
CA ALA B 163 -10.59 -26.41 -12.48
C ALA B 163 -10.44 -27.86 -12.01
N MET B 164 -11.45 -28.66 -12.27
CA MET B 164 -11.43 -30.08 -11.91
C MET B 164 -10.31 -30.83 -12.62
N ARG B 165 -10.02 -30.49 -13.88
CA ARG B 165 -8.89 -31.10 -14.57
C ARG B 165 -7.54 -30.61 -14.01
N GLU B 166 -7.41 -29.29 -13.82
CA GLU B 166 -6.08 -28.70 -13.58
C GLU B 166 -5.51 -28.93 -12.17
N ILE B 167 -6.37 -28.92 -11.16
CA ILE B 167 -5.94 -29.07 -9.77
C ILE B 167 -5.13 -30.37 -9.53
N PRO B 168 -5.64 -31.54 -9.99
CA PRO B 168 -4.86 -32.75 -9.71
C PRO B 168 -3.59 -32.93 -10.58
N ILE B 169 -3.44 -32.11 -11.61
CA ILE B 169 -2.20 -32.08 -12.39
C ILE B 169 -1.10 -31.54 -11.47
N TRP B 170 -1.48 -30.57 -10.63
CA TRP B 170 -0.48 -29.87 -9.81
C TRP B 170 -0.36 -30.37 -8.39
N PHE B 171 -1.44 -30.88 -7.82
CA PHE B 171 -1.44 -31.29 -6.40
C PHE B 171 -2.03 -32.67 -6.20
N LYS B 172 -1.44 -33.41 -5.27
CA LYS B 172 -2.06 -34.61 -4.73
C LYS B 172 -3.23 -34.19 -3.84
N ASP B 173 -4.19 -35.10 -3.67
CA ASP B 173 -5.32 -34.85 -2.80
C ASP B 173 -4.92 -34.41 -1.39
N ASN B 174 -3.89 -35.07 -0.84
CA ASN B 174 -3.42 -34.74 0.51
C ASN B 174 -2.68 -33.39 0.61
N GLU B 175 -2.53 -32.70 -0.52
CA GLU B 175 -1.92 -31.38 -0.54
C GLU B 175 -2.96 -30.29 -0.57
N ILE B 176 -4.24 -30.66 -0.58
CA ILE B 176 -5.33 -29.67 -0.55
C ILE B 176 -5.77 -29.55 0.90
N LEU B 177 -5.67 -28.35 1.47
CA LEU B 177 -5.86 -28.20 2.92
C LEU B 177 -7.29 -27.84 3.31
N ASN B 178 -7.69 -28.39 4.44
CA ASN B 178 -8.98 -28.09 5.07
C ASN B 178 -8.77 -27.34 6.41
N TYR B 179 -9.12 -26.05 6.45
CA TYR B 179 -9.07 -25.25 7.70
C TYR B 179 -10.02 -24.04 7.62
N LYS B 180 -10.17 -23.32 8.73
CA LYS B 180 -11.08 -22.17 8.76
C LYS B 180 -10.32 -20.84 8.80
N ARG B 181 -10.55 -20.00 7.81
CA ARG B 181 -10.07 -18.63 7.90
C ARG B 181 -10.76 -17.94 9.09
N ASP B 182 -10.06 -17.00 9.74
CA ASP B 182 -10.69 -16.27 10.86
C ASP B 182 -11.91 -15.47 10.40
N ASP B 183 -11.93 -15.09 9.12
CA ASP B 183 -13.05 -14.30 8.59
C ASP B 183 -14.12 -15.17 7.93
N GLU B 184 -14.08 -16.48 8.19
CA GLU B 184 -15.00 -17.42 7.54
C GLU B 184 -16.46 -16.99 7.64
N CYS B 185 -16.88 -16.57 8.84
CA CYS B 185 -18.30 -16.24 9.07
C CYS B 185 -18.80 -15.08 8.21
N GLU B 186 -17.89 -14.21 7.75
CA GLU B 186 -18.27 -13.05 6.92
C GLU B 186 -18.48 -13.43 5.45
N HIS B 187 -17.94 -14.59 5.05
CA HIS B 187 -18.01 -15.02 3.66
C HIS B 187 -18.90 -16.22 3.47
N TYR B 188 -18.73 -17.22 4.32
CA TYR B 188 -19.48 -18.46 4.22
C TYR B 188 -20.73 -18.40 5.10
N TYR B 189 -20.74 -17.46 6.05
CA TYR B 189 -21.72 -17.41 7.16
C TYR B 189 -21.46 -18.52 8.18
N CYS B 190 -21.90 -18.28 9.41
CA CYS B 190 -21.85 -19.26 10.49
C CYS B 190 -23.18 -19.14 11.22
N SER C 23 13.28 31.46 7.88
CA SER C 23 13.97 30.76 9.00
C SER C 23 15.18 29.96 8.51
N MET C 24 16.22 29.92 9.34
CA MET C 24 17.49 29.26 9.02
C MET C 24 17.35 27.74 8.96
N LEU C 25 16.30 27.22 9.60
CA LEU C 25 16.09 25.76 9.72
C LEU C 25 15.55 25.15 8.44
N LEU C 26 15.02 25.98 7.54
CA LEU C 26 14.59 25.53 6.22
C LEU C 26 15.78 25.19 5.33
N GLN C 27 15.92 23.94 4.94
CA GLN C 27 17.06 23.51 4.09
C GLN C 27 16.62 22.78 2.83
N LYS C 28 17.51 22.77 1.85
CA LYS C 28 17.37 21.95 0.67
C LYS C 28 18.43 20.85 0.74
N THR C 29 18.09 19.68 0.18
CA THR C 29 19.01 18.54 0.14
C THR C 29 18.94 17.83 -1.22
N LEU C 30 20.11 17.40 -1.70
CA LEU C 30 20.16 16.68 -2.95
C LEU C 30 19.96 15.19 -2.73
N CYS C 31 19.04 14.63 -3.52
CA CYS C 31 18.76 13.20 -3.56
C CYS C 31 18.99 12.66 -4.96
N ILE C 32 19.47 11.40 -5.03
CA ILE C 32 19.58 10.67 -6.29
C ILE C 32 19.04 9.24 -6.14
N VAL C 33 18.03 8.89 -6.92
CA VAL C 33 17.66 7.50 -7.09
C VAL C 33 18.74 6.95 -8.02
N LYS C 34 19.60 6.11 -7.44
CA LYS C 34 20.74 5.51 -8.13
C LYS C 34 20.30 4.53 -9.24
N PRO C 35 21.23 4.14 -10.14
CA PRO C 35 20.89 3.30 -11.28
C PRO C 35 20.14 2.02 -10.92
N ASP C 36 20.44 1.44 -9.75
CA ASP C 36 19.73 0.25 -9.25
C ASP C 36 18.25 0.57 -9.02
N GLY C 37 17.98 1.73 -8.40
CA GLY C 37 16.61 2.14 -8.11
C GLY C 37 15.83 2.38 -9.40
N VAL C 38 16.47 3.08 -10.34
CA VAL C 38 15.87 3.36 -11.62
C VAL C 38 15.58 2.06 -12.36
N ARG C 39 16.59 1.20 -12.51
CA ARG C 39 16.45 -0.06 -13.26
C ARG C 39 15.42 -1.02 -12.63
N ARG C 40 15.19 -0.86 -11.32
CA ARG C 40 14.27 -1.74 -10.57
C ARG C 40 12.87 -1.15 -10.46
N GLY C 41 12.71 0.05 -11.03
CA GLY C 41 11.42 0.73 -11.09
C GLY C 41 10.94 1.25 -9.75
N LEU C 42 11.84 1.84 -8.98
CA LEU C 42 11.54 2.27 -7.61
C LEU C 42 11.46 3.80 -7.45
N ILE C 43 11.40 4.55 -8.55
CA ILE C 43 11.43 6.00 -8.48
C ILE C 43 10.22 6.53 -7.70
N GLY C 44 9.04 6.11 -8.15
CA GLY C 44 7.79 6.45 -7.49
C GLY C 44 7.81 6.15 -6.00
N ASP C 45 8.20 4.93 -5.63
CA ASP C 45 8.32 4.52 -4.22
C ASP C 45 9.19 5.48 -3.41
N VAL C 46 10.36 5.84 -3.95
CA VAL C 46 11.30 6.71 -3.24
C VAL C 46 10.68 8.10 -3.06
N VAL C 47 10.14 8.66 -4.14
CA VAL C 47 9.48 9.98 -4.10
C VAL C 47 8.30 10.04 -3.09
N SER C 48 7.43 9.04 -3.11
CA SER C 48 6.31 8.99 -2.15
C SER C 48 6.76 9.04 -0.69
N ARG C 49 7.89 8.40 -0.36
CA ARG C 49 8.36 8.38 1.03
C ARG C 49 8.54 9.80 1.55
N PHE C 50 9.05 10.68 0.70
CA PHE C 50 9.35 12.06 1.08
C PHE C 50 8.12 12.93 1.03
N GLU C 51 7.31 12.75 -0.01
CA GLU C 51 6.05 13.49 -0.13
C GLU C 51 5.15 13.18 1.07
N ARG C 52 5.09 11.90 1.45
CA ARG C 52 4.20 11.43 2.50
C ARG C 52 4.51 12.05 3.87
N VAL C 53 5.80 12.21 4.23
CA VAL C 53 6.15 12.83 5.53
C VAL C 53 5.90 14.32 5.57
N GLY C 54 5.76 14.92 4.39
CA GLY C 54 5.51 16.36 4.30
C GLY C 54 6.62 17.13 3.61
N LEU C 55 7.67 16.42 3.22
CA LEU C 55 8.76 17.06 2.50
C LEU C 55 8.33 17.42 1.07
N LYS C 56 8.97 18.47 0.54
CA LYS C 56 8.57 19.07 -0.72
C LYS C 56 9.63 18.84 -1.81
N MET C 57 9.23 18.29 -2.95
CA MET C 57 10.12 18.23 -4.11
C MET C 57 10.19 19.59 -4.81
N VAL C 58 11.38 20.19 -4.87
CA VAL C 58 11.55 21.51 -5.50
C VAL C 58 12.40 21.47 -6.75
N ALA C 59 12.87 20.27 -7.13
CA ALA C 59 13.60 20.10 -8.38
C ALA C 59 13.63 18.63 -8.73
N ALA C 60 13.67 18.31 -10.02
CA ALA C 60 13.80 16.92 -10.44
C ALA C 60 14.34 16.88 -11.88
N LYS C 61 15.31 16.00 -12.13
CA LYS C 61 15.69 15.63 -13.51
C LYS C 61 16.25 14.21 -13.63
N MET C 62 16.10 13.64 -14.80
CA MET C 62 16.56 12.32 -15.08
C MET C 62 17.62 12.45 -16.15
N LEU C 63 18.74 11.77 -15.98
CA LEU C 63 19.82 11.87 -16.97
C LEU C 63 20.68 10.61 -16.96
N ILE C 64 21.43 10.41 -18.03
CA ILE C 64 22.53 9.44 -18.04
C ILE C 64 23.78 10.16 -17.52
N VAL C 65 24.35 9.69 -16.42
CA VAL C 65 25.49 10.36 -15.82
C VAL C 65 26.76 10.00 -16.57
N ASP C 66 27.45 10.99 -17.15
CA ASP C 66 28.75 10.66 -17.72
C ASP C 66 29.87 10.75 -16.68
N GLU C 67 30.99 10.10 -16.99
CA GLU C 67 32.09 9.92 -16.06
C GLU C 67 32.48 11.25 -15.39
N SER C 68 32.63 12.27 -16.22
CA SER C 68 32.99 13.61 -15.78
C SER C 68 32.12 14.12 -14.63
N LEU C 69 30.80 13.95 -14.74
CA LEU C 69 29.89 14.40 -13.70
C LEU C 69 29.98 13.53 -12.44
N ALA C 70 30.07 12.20 -12.64
CA ALA C 70 30.31 11.24 -11.54
C ALA C 70 31.51 11.65 -10.68
N LYS C 71 32.59 12.07 -11.31
CA LYS C 71 33.80 12.48 -10.59
C LYS C 71 33.64 13.81 -9.85
N LYS C 72 32.79 14.69 -10.35
CA LYS C 72 32.44 15.91 -9.62
C LYS C 72 31.57 15.61 -8.41
N HIS C 73 30.69 14.61 -8.53
CA HIS C 73 29.80 14.26 -7.41
C HIS C 73 30.50 13.51 -6.30
N TYR C 74 31.14 12.40 -6.66
CA TYR C 74 31.93 11.62 -5.71
C TYR C 74 33.39 12.05 -5.80
N LEU C 75 33.81 12.86 -4.84
CA LEU C 75 35.16 13.44 -4.85
C LEU C 75 36.23 12.42 -4.46
N TYR C 76 37.22 12.27 -5.33
CA TYR C 76 38.32 11.33 -5.12
C TYR C 76 38.91 11.42 -3.70
N ASP C 77 39.44 12.59 -3.36
CA ASP C 77 40.09 12.80 -2.08
C ASP C 77 39.22 12.41 -0.90
N ASP C 78 37.95 12.78 -0.96
CA ASP C 78 36.99 12.50 0.11
C ASP C 78 36.66 11.01 0.24
N ILE C 79 36.45 10.32 -0.88
CA ILE C 79 36.09 8.91 -0.83
C ILE C 79 37.29 8.04 -0.48
N VAL C 80 38.47 8.40 -0.98
CA VAL C 80 39.71 7.67 -0.66
C VAL C 80 40.03 7.74 0.84
N PHE C 81 40.09 8.97 1.38
CA PHE C 81 40.37 9.15 2.80
C PHE C 81 39.37 8.39 3.68
N ARG C 82 38.09 8.48 3.36
CA ARG C 82 37.08 7.80 4.16
C ARG C 82 36.88 6.32 3.82
N HIS C 83 37.37 5.87 2.66
CA HIS C 83 37.24 4.46 2.27
C HIS C 83 38.50 3.88 1.67
N SER C 84 38.64 3.95 0.35
CA SER C 84 39.82 3.50 -0.39
C SER C 84 39.66 3.94 -1.85
N GLU C 85 40.74 3.84 -2.62
CA GLU C 85 40.68 4.08 -4.06
C GLU C 85 39.79 3.05 -4.78
N ALA C 86 39.87 1.80 -4.36
CA ALA C 86 39.03 0.76 -4.93
C ALA C 86 37.54 1.15 -4.79
N VAL C 87 37.13 1.61 -3.61
CA VAL C 87 35.73 2.01 -3.39
C VAL C 87 35.30 3.12 -4.34
N TRP C 88 36.18 4.09 -4.53
CA TRP C 88 35.90 5.20 -5.44
C TRP C 88 35.77 4.81 -6.88
N ASN C 89 36.70 3.99 -7.39
CA ASN C 89 36.59 3.44 -8.75
C ASN C 89 35.27 2.71 -8.98
N SER C 90 34.81 1.95 -7.98
CA SER C 90 33.60 1.16 -8.13
C SER C 90 32.36 2.03 -8.01
N LEU C 91 32.47 3.15 -7.29
CA LEU C 91 31.38 4.12 -7.28
C LEU C 91 31.24 4.74 -8.66
N ILE C 92 32.38 5.19 -9.19
CA ILE C 92 32.41 5.80 -10.50
C ILE C 92 31.85 4.82 -11.55
N LYS C 93 32.24 3.54 -11.47
CA LYS C 93 31.79 2.50 -12.41
C LYS C 93 30.29 2.27 -12.29
N PHE C 94 29.78 2.25 -11.06
CA PHE C 94 28.35 2.08 -10.77
C PHE C 94 27.48 3.20 -11.37
N ILE C 95 27.85 4.46 -11.14
CA ILE C 95 27.06 5.60 -11.62
C ILE C 95 27.31 5.97 -13.09
N SER C 96 28.53 5.76 -13.60
CA SER C 96 28.91 6.27 -14.92
C SER C 96 28.19 5.60 -16.07
N ASN C 97 27.70 6.42 -16.99
CA ASN C 97 26.91 5.96 -18.15
C ASN C 97 25.71 5.13 -17.75
N SER C 98 25.11 5.46 -16.61
CA SER C 98 23.90 4.81 -16.13
C SER C 98 22.85 5.87 -15.83
N PRO C 99 21.57 5.46 -15.81
CA PRO C 99 20.50 6.41 -15.56
C PRO C 99 20.34 6.72 -14.07
N VAL C 100 20.10 7.99 -13.74
CA VAL C 100 19.68 8.36 -12.39
C VAL C 100 18.49 9.30 -12.43
N PHE C 101 17.70 9.29 -11.36
CA PHE C 101 16.68 10.29 -11.15
C PHE C 101 17.14 11.15 -9.97
N THR C 102 17.48 12.41 -10.24
CA THR C 102 17.99 13.33 -9.22
C THR C 102 16.95 14.39 -8.92
N PHE C 103 16.86 14.77 -7.65
CA PHE C 103 15.84 15.72 -7.21
C PHE C 103 16.29 16.45 -5.96
N VAL C 104 15.66 17.58 -5.66
CA VAL C 104 15.99 18.35 -4.47
C VAL C 104 14.79 18.42 -3.56
N VAL C 105 15.03 18.19 -2.27
CA VAL C 105 13.98 18.20 -1.28
C VAL C 105 14.14 19.38 -0.31
N GLU C 106 13.06 20.14 -0.12
CA GLU C 106 13.07 21.26 0.81
C GLU C 106 12.12 21.01 1.98
N GLY C 107 12.59 21.32 3.19
CA GLY C 107 11.77 21.22 4.38
C GLY C 107 12.57 21.65 5.59
N VAL C 108 11.89 21.72 6.73
CA VAL C 108 12.48 22.07 8.02
C VAL C 108 13.53 21.02 8.44
N GLU C 109 14.79 21.44 8.55
CA GLU C 109 15.90 20.54 8.92
C GLU C 109 15.87 19.29 8.02
N SER C 110 15.56 19.50 6.74
CA SER C 110 15.34 18.43 5.78
C SER C 110 16.53 17.49 5.59
N ILE C 111 17.75 18.01 5.72
CA ILE C 111 18.93 17.16 5.49
C ILE C 111 18.98 15.98 6.46
N GLU C 112 18.87 16.27 7.75
CA GLU C 112 18.81 15.22 8.78
C GLU C 112 17.62 14.29 8.59
N VAL C 113 16.45 14.88 8.28
CA VAL C 113 15.21 14.10 8.14
C VAL C 113 15.32 13.13 6.96
N VAL C 114 15.85 13.62 5.85
CA VAL C 114 16.03 12.77 4.66
C VAL C 114 16.99 11.59 4.95
N ARG C 115 18.05 11.87 5.71
CA ARG C 115 18.99 10.81 6.09
C ARG C 115 18.35 9.71 6.95
N LYS C 116 17.58 10.11 7.96
CA LYS C 116 16.80 9.19 8.77
C LYS C 116 15.89 8.34 7.86
N LEU C 117 15.28 8.96 6.86
CA LEU C 117 14.36 8.22 5.98
C LEU C 117 15.06 7.22 5.05
N CYS C 118 16.31 7.52 4.69
CA CYS C 118 17.10 6.64 3.82
C CYS C 118 17.63 5.43 4.59
N GLY C 119 18.09 5.67 5.82
CA GLY C 119 18.62 4.60 6.65
C GLY C 119 20.07 4.36 6.36
N ALA C 120 20.65 3.38 7.05
CA ALA C 120 22.09 3.12 6.98
C ALA C 120 22.62 2.84 5.56
N THR C 121 23.83 3.32 5.29
CA THR C 121 24.57 3.08 4.04
C THR C 121 24.51 1.63 3.59
N GLU C 122 24.82 0.72 4.50
CA GLU C 122 24.82 -0.71 4.20
C GLU C 122 23.42 -1.30 4.31
N PRO C 123 22.85 -1.79 3.17
CA PRO C 123 21.48 -2.34 3.18
C PRO C 123 21.25 -3.46 4.20
N LYS C 124 22.26 -4.32 4.41
CA LYS C 124 22.13 -5.41 5.35
C LYS C 124 21.73 -4.92 6.73
N LEU C 125 22.28 -3.78 7.17
CA LEU C 125 21.99 -3.25 8.49
C LEU C 125 20.93 -2.17 8.50
N ALA C 126 20.54 -1.66 7.33
CA ALA C 126 19.52 -0.58 7.27
C ALA C 126 18.21 -1.09 7.90
N ILE C 127 17.62 -0.28 8.77
CA ILE C 127 16.50 -0.70 9.61
C ILE C 127 15.21 -0.69 8.81
N PRO C 128 14.32 -1.70 9.03
CA PRO C 128 13.04 -1.74 8.30
C PRO C 128 12.25 -0.47 8.53
N GLY C 129 11.57 0.00 7.49
CA GLY C 129 10.90 1.30 7.54
C GLY C 129 11.59 2.36 6.71
N THR C 130 12.93 2.29 6.67
CA THR C 130 13.76 3.19 5.86
C THR C 130 13.73 2.74 4.37
N ILE C 131 14.09 3.64 3.46
CA ILE C 131 14.12 3.27 2.05
C ILE C 131 15.10 2.13 1.82
N ARG C 132 16.32 2.29 2.32
CA ARG C 132 17.34 1.24 2.17
C ARG C 132 16.94 -0.06 2.87
N GLY C 133 16.32 0.04 4.04
CA GLY C 133 15.87 -1.16 4.77
C GLY C 133 14.75 -1.94 4.09
N ASP C 134 13.84 -1.24 3.41
CA ASP C 134 12.68 -1.87 2.78
C ASP C 134 12.96 -2.39 1.36
N PHE C 135 13.97 -1.83 0.68
CA PHE C 135 14.17 -2.07 -0.76
C PHE C 135 15.48 -2.69 -1.22
N SER C 136 16.45 -2.86 -0.31
CA SER C 136 17.70 -3.51 -0.69
C SER C 136 18.22 -4.24 0.54
N TYR C 137 19.25 -5.08 0.40
CA TYR C 137 19.66 -5.88 1.56
C TYR C 137 21.12 -6.37 1.61
N HIS C 138 21.87 -6.28 0.50
CA HIS C 138 23.22 -6.88 0.47
C HIS C 138 24.28 -6.17 1.29
N SER C 139 25.44 -6.79 1.47
CA SER C 139 26.38 -6.37 2.51
C SER C 139 27.71 -5.79 2.00
N PHE C 140 28.38 -5.03 2.86
CA PHE C 140 29.79 -4.66 2.63
C PHE C 140 30.69 -5.86 2.36
N LYS C 141 30.54 -6.93 3.13
CA LYS C 141 31.36 -8.13 2.95
C LYS C 141 31.24 -8.66 1.54
N TYR C 142 30.01 -8.69 1.03
CA TYR C 142 29.76 -9.26 -0.28
C TYR C 142 30.26 -8.31 -1.36
N SER C 143 30.05 -7.01 -1.16
CA SER C 143 30.50 -6.07 -2.17
C SER C 143 32.05 -6.04 -2.24
N ASN C 144 32.73 -6.17 -1.11
CA ASN C 144 34.19 -6.37 -1.12
C ASN C 144 34.58 -7.64 -1.87
N GLU C 145 33.83 -8.70 -1.64
CA GLU C 145 34.18 -9.99 -2.19
C GLU C 145 34.08 -10.01 -3.73
N LYS C 146 33.12 -9.25 -4.27
CA LYS C 146 32.87 -9.22 -5.71
C LYS C 146 33.48 -8.02 -6.43
N GLY C 147 33.87 -7.00 -5.69
CA GLY C 147 34.49 -5.81 -6.29
C GLY C 147 33.54 -4.86 -7.00
N PHE C 148 32.37 -4.64 -6.41
CA PHE C 148 31.39 -3.68 -6.90
C PHE C 148 31.01 -2.75 -5.75
N SER C 149 30.49 -1.58 -6.08
CA SER C 149 29.93 -0.66 -5.09
C SER C 149 28.71 -1.30 -4.42
N ILE C 150 28.41 -0.92 -3.18
CA ILE C 150 27.12 -1.26 -2.60
C ILE C 150 26.02 -0.58 -3.44
N TYR C 151 24.95 -1.31 -3.69
CA TYR C 151 23.79 -0.78 -4.41
C TYR C 151 22.68 -0.55 -3.39
N ASN C 152 22.52 0.71 -2.96
CA ASN C 152 21.63 1.05 -1.89
C ASN C 152 20.55 2.05 -2.30
N VAL C 153 20.17 2.02 -3.58
CA VAL C 153 18.93 2.67 -4.07
C VAL C 153 18.94 4.19 -4.14
N ILE C 154 19.47 4.83 -3.10
CA ILE C 154 19.37 6.27 -2.99
C ILE C 154 20.65 6.90 -2.42
N HIS C 155 20.98 8.10 -2.89
CA HIS C 155 21.95 9.00 -2.26
C HIS C 155 21.23 10.17 -1.67
N ALA C 156 21.69 10.63 -0.50
CA ALA C 156 21.25 11.92 0.02
C ALA C 156 22.39 12.65 0.72
N SER C 157 22.46 13.96 0.48
CA SER C 157 23.49 14.79 1.10
C SER C 157 23.58 14.49 2.60
N ALA C 158 24.80 14.29 3.09
CA ALA C 158 25.05 13.86 4.46
C ALA C 158 24.98 14.99 5.48
N ASN C 159 25.20 16.23 5.03
CA ASN C 159 25.16 17.39 5.90
C ASN C 159 24.94 18.66 5.09
N GLU C 160 24.85 19.78 5.82
CA GLU C 160 24.64 21.10 5.23
C GLU C 160 25.70 21.46 4.20
N ALA C 161 26.96 21.21 4.54
CA ALA C 161 28.08 21.48 3.65
C ALA C 161 27.99 20.66 2.36
N ASP C 162 27.73 19.36 2.48
CA ASP C 162 27.61 18.52 1.28
C ASP C 162 26.43 18.98 0.42
N ALA C 163 25.33 19.34 1.07
CA ALA C 163 24.13 19.77 0.34
C ALA C 163 24.41 21.02 -0.48
N MET C 164 25.10 21.99 0.11
CA MET C 164 25.50 23.19 -0.61
C MET C 164 26.46 22.92 -1.78
N ARG C 165 27.34 21.91 -1.66
CA ARG C 165 28.22 21.54 -2.77
C ARG C 165 27.48 20.78 -3.89
N GLU C 166 26.66 19.81 -3.51
CA GLU C 166 26.06 18.85 -4.44
C GLU C 166 24.96 19.45 -5.33
N ILE C 167 24.06 20.24 -4.75
CA ILE C 167 22.96 20.84 -5.52
C ILE C 167 23.39 21.55 -6.81
N PRO C 168 24.33 22.53 -6.76
CA PRO C 168 24.76 23.22 -7.97
C PRO C 168 25.43 22.30 -8.99
N ILE C 169 26.01 21.20 -8.52
CA ILE C 169 26.59 20.20 -9.43
C ILE C 169 25.52 19.53 -10.30
N TRP C 170 24.31 19.39 -9.77
CA TRP C 170 23.22 18.70 -10.49
C TRP C 170 22.20 19.62 -11.10
N PHE C 171 22.02 20.80 -10.48
CA PHE C 171 20.96 21.74 -10.86
C PHE C 171 21.44 23.18 -11.03
N LYS C 172 20.94 23.84 -12.07
CA LYS C 172 21.13 25.28 -12.21
C LYS C 172 20.17 25.93 -11.23
N ASP C 173 20.46 27.18 -10.84
CA ASP C 173 19.66 27.94 -9.89
C ASP C 173 18.21 28.06 -10.32
N ASN C 174 17.99 28.17 -11.63
CA ASN C 174 16.65 28.36 -12.17
C ASN C 174 15.89 27.03 -12.36
N GLU C 175 16.44 25.95 -11.82
CA GLU C 175 15.77 24.67 -11.83
C GLU C 175 15.23 24.34 -10.44
N ILE C 176 15.63 25.12 -9.43
CA ILE C 176 15.10 24.97 -8.07
C ILE C 176 13.79 25.75 -8.00
N LEU C 177 12.67 25.06 -7.82
CA LEU C 177 11.35 25.68 -7.86
C LEU C 177 10.95 26.30 -6.52
N ASN C 178 10.13 27.35 -6.60
CA ASN C 178 9.52 27.95 -5.43
C ASN C 178 8.00 27.93 -5.56
N TYR C 179 7.33 27.08 -4.76
CA TYR C 179 5.87 26.99 -4.73
C TYR C 179 5.41 26.51 -3.35
N LYS C 180 4.11 26.56 -3.11
CA LYS C 180 3.50 26.08 -1.85
C LYS C 180 2.79 24.74 -2.05
N ARG C 181 3.18 23.75 -1.25
CA ARG C 181 2.39 22.54 -1.09
C ARG C 181 1.10 22.86 -0.33
N ASP C 182 0.02 22.15 -0.62
CA ASP C 182 -1.26 22.39 0.03
C ASP C 182 -1.25 22.20 1.55
N ASP C 183 -0.35 21.34 2.03
CA ASP C 183 -0.22 21.05 3.44
C ASP C 183 0.87 21.91 4.13
N GLU C 184 1.37 22.93 3.42
CA GLU C 184 2.38 23.83 3.98
C GLU C 184 2.17 24.27 5.43
N CYS C 185 0.95 24.72 5.76
CA CYS C 185 0.65 25.25 7.09
C CYS C 185 0.77 24.20 8.20
N GLU C 186 0.73 22.93 7.83
CA GLU C 186 0.92 21.85 8.81
C GLU C 186 2.40 21.64 9.15
N HIS C 187 3.28 22.05 8.24
CA HIS C 187 4.71 21.83 8.40
C HIS C 187 5.47 23.09 8.72
N TYR C 188 5.23 24.16 7.95
CA TYR C 188 5.91 25.44 8.17
C TYR C 188 5.13 26.36 9.10
N TYR C 189 3.85 26.06 9.33
CA TYR C 189 2.89 26.95 9.97
C TYR C 189 2.57 28.13 9.06
N CYS C 190 1.48 28.84 9.38
CA CYS C 190 1.06 29.98 8.60
C CYS C 190 0.60 31.10 9.51
N SER D 23 -22.80 26.53 -3.64
CA SER D 23 -23.19 25.71 -4.84
C SER D 23 -24.12 24.54 -4.49
N MET D 24 -25.11 24.35 -5.35
CA MET D 24 -26.06 23.24 -5.25
C MET D 24 -25.41 21.86 -5.36
N LEU D 25 -24.23 21.80 -5.98
CA LEU D 25 -23.58 20.53 -6.28
C LEU D 25 -22.83 19.92 -5.09
N LEU D 26 -22.54 20.73 -4.08
CA LEU D 26 -21.99 20.28 -2.81
C LEU D 26 -23.02 19.40 -2.11
N GLN D 27 -22.65 18.15 -1.84
CA GLN D 27 -23.57 17.21 -1.20
C GLN D 27 -22.93 16.48 -0.06
N LYS D 28 -23.74 16.11 0.92
CA LYS D 28 -23.29 15.22 1.99
C LYS D 28 -23.99 13.87 1.81
N THR D 29 -23.26 12.80 2.08
CA THR D 29 -23.82 11.45 1.93
C THR D 29 -23.52 10.62 3.17
N LEU D 30 -24.43 9.72 3.52
CA LEU D 30 -24.25 8.87 4.69
C LEU D 30 -23.61 7.54 4.32
N CYS D 31 -22.55 7.20 5.05
CA CYS D 31 -21.81 5.95 4.86
C CYS D 31 -21.76 5.15 6.12
N ILE D 32 -21.77 3.83 5.96
CA ILE D 32 -21.66 2.92 7.09
C ILE D 32 -20.69 1.80 6.76
N VAL D 33 -19.64 1.65 7.58
CA VAL D 33 -18.87 0.43 7.56
C VAL D 33 -19.70 -0.57 8.38
N LYS D 34 -20.26 -1.54 7.68
CA LYS D 34 -21.13 -2.55 8.26
C LYS D 34 -20.36 -3.50 9.21
N PRO D 35 -21.08 -4.36 9.96
CA PRO D 35 -20.38 -5.16 10.98
C PRO D 35 -19.31 -6.11 10.44
N ASP D 36 -19.48 -6.63 9.23
CA ASP D 36 -18.41 -7.41 8.56
C ASP D 36 -17.12 -6.59 8.41
N GLY D 37 -17.24 -5.36 7.88
CA GLY D 37 -16.10 -4.47 7.70
C GLY D 37 -15.42 -4.15 9.03
N VAL D 38 -16.24 -3.93 10.06
CA VAL D 38 -15.72 -3.63 11.39
C VAL D 38 -15.02 -4.85 11.99
N ARG D 39 -15.69 -6.00 11.97
CA ARG D 39 -15.10 -7.20 12.58
C ARG D 39 -13.84 -7.66 11.83
N ARG D 40 -13.69 -7.25 10.56
CA ARG D 40 -12.58 -7.69 9.72
C ARG D 40 -11.38 -6.71 9.77
N GLY D 41 -11.54 -5.62 10.52
CA GLY D 41 -10.51 -4.60 10.67
C GLY D 41 -10.34 -3.74 9.43
N LEU D 42 -11.45 -3.40 8.77
CA LEU D 42 -11.39 -2.66 7.49
C LEU D 42 -11.73 -1.18 7.54
N ILE D 43 -11.95 -0.60 8.72
CA ILE D 43 -12.42 0.80 8.84
C ILE D 43 -11.42 1.78 8.21
N GLY D 44 -10.16 1.61 8.56
CA GLY D 44 -9.12 2.48 8.06
C GLY D 44 -9.10 2.44 6.54
N ASP D 45 -9.13 1.23 5.98
CA ASP D 45 -9.06 0.99 4.55
C ASP D 45 -10.16 1.69 3.80
N VAL D 46 -11.37 1.63 4.37
CA VAL D 46 -12.53 2.24 3.75
C VAL D 46 -12.40 3.76 3.80
N VAL D 47 -12.11 4.28 4.98
CA VAL D 47 -11.94 5.72 5.15
C VAL D 47 -10.84 6.29 4.23
N SER D 48 -9.71 5.59 4.09
CA SER D 48 -8.64 6.06 3.21
C SER D 48 -9.07 6.19 1.76
N ARG D 49 -9.93 5.29 1.28
CA ARG D 49 -10.44 5.39 -0.10
C ARG D 49 -11.06 6.77 -0.37
N PHE D 50 -11.86 7.25 0.59
CA PHE D 50 -12.54 8.51 0.44
C PHE D 50 -11.63 9.72 0.63
N GLU D 51 -10.80 9.70 1.66
CA GLU D 51 -9.81 10.76 1.86
C GLU D 51 -8.89 10.92 0.63
N ARG D 52 -8.46 9.78 0.08
CA ARG D 52 -7.55 9.77 -1.05
C ARG D 52 -8.10 10.44 -2.34
N VAL D 53 -9.40 10.29 -2.64
CA VAL D 53 -9.97 10.96 -3.83
C VAL D 53 -10.15 12.46 -3.63
N GLY D 54 -10.12 12.92 -2.39
CA GLY D 54 -10.37 14.32 -2.07
C GLY D 54 -11.67 14.59 -1.32
N LEU D 55 -12.43 13.53 -1.03
CA LEU D 55 -13.67 13.67 -0.26
C LEU D 55 -13.38 13.92 1.22
N LYS D 56 -14.26 14.68 1.87
CA LYS D 56 -14.04 15.13 3.23
C LYS D 56 -14.96 14.44 4.23
N MET D 57 -14.36 13.85 5.26
CA MET D 57 -15.10 13.30 6.38
C MET D 57 -15.61 14.45 7.25
N VAL D 58 -16.92 14.54 7.43
CA VAL D 58 -17.49 15.63 8.22
C VAL D 58 -18.31 15.18 9.42
N ALA D 59 -18.32 13.87 9.67
CA ALA D 59 -18.96 13.30 10.87
C ALA D 59 -18.54 11.84 11.01
N ALA D 60 -18.51 11.34 12.24
CA ALA D 60 -18.20 9.93 12.47
C ALA D 60 -18.59 9.49 13.87
N LYS D 61 -19.18 8.31 13.95
CA LYS D 61 -19.36 7.65 15.23
C LYS D 61 -19.38 6.15 15.05
N MET D 62 -19.01 5.47 16.11
CA MET D 62 -19.12 4.04 16.19
C MET D 62 -20.20 3.71 17.22
N LEU D 63 -21.10 2.77 16.88
N LEU D 63 -21.11 2.79 16.86
CA LEU D 63 -22.10 2.28 17.83
CA LEU D 63 -22.15 2.29 17.79
C LEU D 63 -22.58 0.84 17.54
C LEU D 63 -22.57 0.83 17.55
N ILE D 64 -23.27 0.26 18.52
CA ILE D 64 -23.95 -1.03 18.40
C ILE D 64 -25.36 -0.63 17.97
N VAL D 65 -25.86 -1.19 16.88
CA VAL D 65 -27.11 -0.69 16.32
C VAL D 65 -28.28 -1.38 17.00
N ASP D 66 -29.16 -0.63 17.64
CA ASP D 66 -30.35 -1.30 18.14
C ASP D 66 -31.43 -1.49 17.06
N GLU D 67 -32.36 -2.38 17.36
CA GLU D 67 -33.42 -2.80 16.45
C GLU D 67 -34.15 -1.64 15.78
N SER D 68 -34.58 -0.66 16.59
CA SER D 68 -35.39 0.45 16.08
CA SER D 68 -35.36 0.50 16.13
C SER D 68 -34.60 1.33 15.11
N LEU D 69 -33.30 1.47 15.35
CA LEU D 69 -32.46 2.27 14.49
C LEU D 69 -32.22 1.50 13.17
N ALA D 70 -31.90 0.21 13.26
CA ALA D 70 -31.80 -0.65 12.06
C ALA D 70 -33.06 -0.56 11.18
N LYS D 71 -34.22 -0.71 11.80
CA LYS D 71 -35.50 -0.69 11.10
C LYS D 71 -35.94 0.71 10.66
N LYS D 72 -35.29 1.74 11.16
CA LYS D 72 -35.45 3.08 10.62
C LYS D 72 -34.52 3.29 9.41
N HIS D 73 -33.29 2.76 9.50
CA HIS D 73 -32.35 2.87 8.38
C HIS D 73 -32.83 2.08 7.21
N TYR D 74 -33.18 0.82 7.47
CA TYR D 74 -33.78 -0.06 6.47
C TYR D 74 -35.31 -0.14 6.64
N LEU D 75 -36.01 0.69 5.87
CA LEU D 75 -37.47 0.83 5.99
C LEU D 75 -38.17 -0.34 5.35
N TYR D 76 -38.96 -1.04 6.17
CA TYR D 76 -39.72 -2.23 5.73
C TYR D 76 -40.28 -2.14 4.31
N ASP D 77 -41.09 -1.10 4.06
CA ASP D 77 -41.80 -0.92 2.79
C ASP D 77 -40.86 -0.79 1.60
N ASP D 78 -39.81 0.04 1.76
CA ASP D 78 -38.81 0.20 0.71
C ASP D 78 -38.06 -1.09 0.44
N ILE D 79 -37.69 -1.82 1.49
CA ILE D 79 -36.98 -3.09 1.28
C ILE D 79 -37.86 -4.21 0.72
N VAL D 80 -39.12 -4.29 1.16
CA VAL D 80 -40.06 -5.28 0.64
C VAL D 80 -40.39 -5.00 -0.83
N PHE D 81 -40.60 -3.74 -1.17
CA PHE D 81 -40.89 -3.41 -2.56
C PHE D 81 -39.71 -3.77 -3.49
N ARG D 82 -38.52 -3.32 -3.12
CA ARG D 82 -37.32 -3.55 -3.96
C ARG D 82 -36.78 -4.98 -3.87
N HIS D 83 -37.11 -5.68 -2.79
CA HIS D 83 -36.63 -7.06 -2.60
C HIS D 83 -37.68 -8.01 -2.06
N SER D 84 -37.72 -8.21 -0.74
CA SER D 84 -38.71 -9.09 -0.11
C SER D 84 -38.66 -8.97 1.41
N GLU D 85 -39.60 -9.62 2.09
CA GLU D 85 -39.64 -9.61 3.54
C GLU D 85 -38.49 -10.41 4.15
N ALA D 86 -38.18 -11.56 3.57
CA ALA D 86 -37.06 -12.38 4.04
C ALA D 86 -35.76 -11.59 3.99
N VAL D 87 -35.56 -10.84 2.90
CA VAL D 87 -34.38 -9.99 2.72
C VAL D 87 -34.35 -8.89 3.81
N TRP D 88 -35.50 -8.27 4.05
CA TRP D 88 -35.61 -7.26 5.10
C TRP D 88 -35.22 -7.85 6.43
N ASN D 89 -35.80 -8.99 6.77
CA ASN D 89 -35.49 -9.70 8.02
C ASN D 89 -34.01 -10.00 8.18
N SER D 90 -33.39 -10.56 7.15
CA SER D 90 -31.99 -10.94 7.25
C SER D 90 -31.08 -9.69 7.30
N LEU D 91 -31.48 -8.59 6.66
CA LEU D 91 -30.77 -7.32 6.81
C LEU D 91 -30.79 -6.81 8.24
N ILE D 92 -31.96 -6.85 8.86
CA ILE D 92 -32.13 -6.39 10.24
C ILE D 92 -31.30 -7.26 11.19
N LYS D 93 -31.30 -8.58 10.98
CA LYS D 93 -30.47 -9.50 11.80
C LYS D 93 -29.00 -9.14 11.66
N PHE D 94 -28.54 -8.88 10.44
CA PHE D 94 -27.14 -8.52 10.17
C PHE D 94 -26.71 -7.28 10.95
N ILE D 95 -27.49 -6.21 10.87
CA ILE D 95 -27.12 -4.91 11.44
C ILE D 95 -27.42 -4.81 12.94
N SER D 96 -28.53 -5.40 13.40
CA SER D 96 -29.02 -5.23 14.79
C SER D 96 -28.08 -5.84 15.80
N ASN D 97 -27.79 -5.11 16.87
CA ASN D 97 -26.93 -5.57 17.97
C ASN D 97 -25.52 -5.88 17.50
N SER D 98 -25.08 -5.17 16.44
CA SER D 98 -23.74 -5.35 15.88
C SER D 98 -23.06 -3.99 15.72
N PRO D 99 -21.71 -3.98 15.75
CA PRO D 99 -20.99 -2.72 15.67
C PRO D 99 -20.94 -2.18 14.25
N VAL D 100 -21.14 -0.87 14.11
CA VAL D 100 -20.89 -0.20 12.85
C VAL D 100 -20.01 1.04 13.06
N PHE D 101 -19.39 1.48 11.97
CA PHE D 101 -18.71 2.76 11.95
C PHE D 101 -19.44 3.56 10.89
N THR D 102 -20.19 4.56 11.33
CA THR D 102 -20.99 5.40 10.45
C THR D 102 -20.35 6.76 10.38
N PHE D 103 -20.41 7.37 9.20
CA PHE D 103 -19.75 8.63 8.94
C PHE D 103 -20.43 9.35 7.77
N VAL D 104 -20.17 10.64 7.65
CA VAL D 104 -20.75 11.43 6.58
C VAL D 104 -19.58 11.93 5.76
N VAL D 105 -19.74 11.91 4.45
CA VAL D 105 -18.72 12.38 3.51
C VAL D 105 -19.28 13.58 2.73
N GLU D 106 -18.49 14.65 2.62
CA GLU D 106 -18.94 15.87 1.93
C GLU D 106 -18.12 16.12 0.68
N GLY D 107 -18.77 16.53 -0.40
CA GLY D 107 -18.03 16.89 -1.62
C GLY D 107 -18.88 17.17 -2.84
N VAL D 108 -18.23 17.67 -3.90
CA VAL D 108 -18.88 17.89 -5.19
C VAL D 108 -19.50 16.60 -5.74
N GLU D 109 -20.83 16.58 -5.86
CA GLU D 109 -21.62 15.42 -6.32
C GLU D 109 -21.17 14.16 -5.57
N SER D 110 -20.97 14.30 -4.25
CA SER D 110 -20.37 13.23 -3.44
C SER D 110 -21.18 11.93 -3.43
N ILE D 111 -22.51 12.04 -3.44
CA ILE D 111 -23.39 10.87 -3.42
C ILE D 111 -23.07 9.89 -4.56
N GLU D 112 -23.11 10.38 -5.79
CA GLU D 112 -22.79 9.55 -6.96
C GLU D 112 -21.35 9.02 -6.91
N VAL D 113 -20.42 9.87 -6.45
CA VAL D 113 -19.00 9.52 -6.42
C VAL D 113 -18.78 8.37 -5.42
N VAL D 114 -19.34 8.54 -4.22
CA VAL D 114 -19.20 7.54 -3.17
C VAL D 114 -19.68 6.18 -3.68
N ARG D 115 -20.85 6.18 -4.36
CA ARG D 115 -21.42 4.97 -4.96
C ARG D 115 -20.49 4.33 -5.99
N LYS D 116 -19.87 5.15 -6.84
CA LYS D 116 -18.85 4.67 -7.78
C LYS D 116 -17.71 3.96 -7.02
N LEU D 117 -17.30 4.52 -5.88
CA LEU D 117 -16.18 4.00 -5.10
C LEU D 117 -16.56 2.73 -4.35
N CYS D 118 -17.80 2.66 -3.86
CA CYS D 118 -18.31 1.42 -3.26
C CYS D 118 -18.36 0.23 -4.22
N GLY D 119 -18.91 0.44 -5.42
CA GLY D 119 -19.05 -0.61 -6.43
C GLY D 119 -20.40 -1.31 -6.29
N ALA D 120 -20.67 -2.23 -7.21
CA ALA D 120 -21.93 -2.98 -7.23
C ALA D 120 -22.32 -3.53 -5.84
N THR D 121 -23.64 -3.57 -5.59
CA THR D 121 -24.21 -4.17 -4.38
C THR D 121 -23.67 -5.58 -4.15
N GLU D 122 -23.69 -6.41 -5.19
CA GLU D 122 -23.17 -7.77 -5.07
C GLU D 122 -21.65 -7.84 -5.20
N PRO D 123 -20.94 -8.24 -4.12
CA PRO D 123 -19.50 -8.40 -4.13
C PRO D 123 -18.99 -9.23 -5.31
N LYS D 124 -19.63 -10.37 -5.60
CA LYS D 124 -19.23 -11.22 -6.73
C LYS D 124 -19.03 -10.42 -8.01
N LEU D 125 -19.88 -9.44 -8.24
CA LEU D 125 -19.82 -8.62 -9.46
C LEU D 125 -19.12 -7.29 -9.30
N ALA D 126 -18.92 -6.85 -8.06
CA ALA D 126 -18.30 -5.53 -7.83
C ALA D 126 -16.93 -5.45 -8.49
N ILE D 127 -16.68 -4.37 -9.20
CA ILE D 127 -15.49 -4.30 -10.03
C ILE D 127 -14.21 -4.12 -9.18
N PRO D 128 -13.12 -4.84 -9.54
CA PRO D 128 -11.84 -4.61 -8.86
C PRO D 128 -11.50 -3.12 -8.93
N GLY D 129 -10.94 -2.56 -7.84
CA GLY D 129 -10.74 -1.11 -7.70
C GLY D 129 -11.73 -0.46 -6.73
N THR D 130 -12.92 -1.04 -6.60
CA THR D 130 -13.94 -0.52 -5.69
C THR D 130 -13.77 -1.17 -4.33
N ILE D 131 -14.38 -0.57 -3.31
CA ILE D 131 -14.31 -1.14 -1.97
C ILE D 131 -14.86 -2.56 -1.90
N ARG D 132 -16.02 -2.78 -2.51
CA ARG D 132 -16.66 -4.10 -2.42
C ARG D 132 -15.91 -5.13 -3.25
N GLY D 133 -15.35 -4.67 -4.37
CA GLY D 133 -14.63 -5.56 -5.30
C GLY D 133 -13.26 -6.01 -4.79
N ASP D 134 -12.63 -5.16 -3.99
CA ASP D 134 -11.29 -5.43 -3.47
C ASP D 134 -11.36 -6.15 -2.13
N PHE D 135 -12.50 -6.03 -1.45
CA PHE D 135 -12.62 -6.45 -0.04
C PHE D 135 -13.64 -7.55 0.26
N SER D 136 -14.47 -7.90 -0.72
CA SER D 136 -15.50 -8.93 -0.53
C SER D 136 -15.76 -9.64 -1.87
N TYR D 137 -16.43 -10.78 -1.87
CA TYR D 137 -16.59 -11.52 -3.11
C TYR D 137 -17.86 -12.37 -3.23
N HIS D 138 -18.55 -12.66 -2.14
CA HIS D 138 -19.68 -13.63 -2.22
C HIS D 138 -20.90 -13.13 -2.95
N SER D 139 -21.79 -14.05 -3.30
CA SER D 139 -22.85 -13.81 -4.28
C SER D 139 -24.26 -13.78 -3.69
N PHE D 140 -25.19 -13.13 -4.41
CA PHE D 140 -26.62 -13.13 -4.03
C PHE D 140 -27.16 -14.55 -3.96
N LYS D 141 -26.80 -15.38 -4.92
CA LYS D 141 -27.26 -16.76 -5.00
C LYS D 141 -26.89 -17.53 -3.73
N TYR D 142 -25.68 -17.31 -3.23
CA TYR D 142 -25.21 -17.94 -1.99
C TYR D 142 -25.92 -17.39 -0.75
N SER D 143 -26.11 -16.07 -0.70
CA SER D 143 -26.78 -15.47 0.45
C SER D 143 -28.24 -15.93 0.54
N ASN D 144 -28.94 -15.99 -0.59
CA ASN D 144 -30.30 -16.53 -0.62
C ASN D 144 -30.34 -18.01 -0.26
N GLU D 145 -29.38 -18.80 -0.78
CA GLU D 145 -29.27 -20.20 -0.41
C GLU D 145 -29.17 -20.38 1.11
N LYS D 146 -28.40 -19.52 1.77
CA LYS D 146 -28.15 -19.66 3.20
C LYS D 146 -29.10 -18.85 4.08
N GLY D 147 -29.91 -17.99 3.46
CA GLY D 147 -30.85 -17.13 4.18
C GLY D 147 -30.16 -16.10 5.07
N PHE D 148 -29.05 -15.53 4.61
CA PHE D 148 -28.43 -14.39 5.29
C PHE D 148 -28.41 -13.19 4.35
N SER D 149 -28.17 -12.00 4.90
CA SER D 149 -27.98 -10.81 4.09
C SER D 149 -26.63 -10.91 3.36
N ILE D 150 -26.52 -10.27 2.20
CA ILE D 150 -25.20 -10.16 1.57
C ILE D 150 -24.33 -9.30 2.51
N TYR D 151 -23.07 -9.69 2.69
CA TYR D 151 -22.13 -8.94 3.55
C TYR D 151 -21.17 -8.16 2.64
N ASN D 152 -21.47 -6.88 2.41
CA ASN D 152 -20.71 -6.14 1.40
C ASN D 152 -19.98 -4.90 1.92
N VAL D 153 -19.54 -4.97 3.18
CA VAL D 153 -18.57 -4.04 3.80
C VAL D 153 -19.09 -2.64 4.14
N ILE D 154 -19.87 -2.05 3.24
CA ILE D 154 -20.21 -0.65 3.34
C ILE D 154 -21.62 -0.38 2.84
N HIS D 155 -22.30 0.56 3.49
CA HIS D 155 -23.51 1.15 2.95
C HIS D 155 -23.21 2.57 2.56
N ALA D 156 -23.83 3.04 1.48
CA ALA D 156 -23.80 4.46 1.11
C ALA D 156 -25.14 4.88 0.53
N SER D 157 -25.57 6.11 0.85
CA SER D 157 -26.86 6.63 0.36
C SER D 157 -26.97 6.49 -1.14
N ALA D 158 -28.14 6.05 -1.62
CA ALA D 158 -28.33 5.73 -3.02
C ALA D 158 -28.47 6.98 -3.89
N ASN D 159 -29.04 8.04 -3.31
CA ASN D 159 -29.35 9.27 -4.03
C ASN D 159 -29.60 10.39 -3.02
N GLU D 160 -29.96 11.57 -3.54
CA GLU D 160 -30.11 12.76 -2.71
C GLU D 160 -31.26 12.67 -1.71
N ALA D 161 -32.39 12.12 -2.12
CA ALA D 161 -33.52 11.93 -1.21
C ALA D 161 -33.10 10.99 -0.08
N ASP D 162 -32.49 9.88 -0.45
CA ASP D 162 -31.98 8.91 0.53
C ASP D 162 -30.99 9.52 1.51
N ALA D 163 -30.02 10.28 1.00
CA ALA D 163 -28.99 10.90 1.86
C ALA D 163 -29.62 11.87 2.87
N MET D 164 -30.57 12.67 2.39
CA MET D 164 -31.31 13.61 3.24
C MET D 164 -32.10 12.94 4.37
N ARG D 165 -32.76 11.82 4.05
CA ARG D 165 -33.44 11.00 5.06
C ARG D 165 -32.46 10.31 6.02
N GLU D 166 -31.33 9.81 5.49
CA GLU D 166 -30.45 8.93 6.26
C GLU D 166 -29.58 9.66 7.30
N ILE D 167 -29.00 10.79 6.92
CA ILE D 167 -28.03 11.48 7.79
C ILE D 167 -28.58 11.81 9.20
N PRO D 168 -29.77 12.47 9.31
CA PRO D 168 -30.31 12.77 10.65
C PRO D 168 -30.68 11.53 11.49
N ILE D 169 -30.96 10.40 10.85
CA ILE D 169 -31.18 9.15 11.58
C ILE D 169 -29.95 8.77 12.42
N TRP D 170 -28.76 9.08 11.89
CA TRP D 170 -27.50 8.66 12.49
C TRP D 170 -26.79 9.75 13.24
N PHE D 171 -26.97 11.00 12.81
CA PHE D 171 -26.27 12.14 13.42
C PHE D 171 -27.21 13.28 13.70
N LYS D 172 -26.94 13.99 14.80
CA LYS D 172 -27.56 15.27 15.08
C LYS D 172 -26.84 16.35 14.31
N ASP D 173 -27.53 17.46 14.11
CA ASP D 173 -27.01 18.61 13.37
C ASP D 173 -25.66 19.03 13.90
N ASN D 174 -25.52 19.06 15.22
CA ASN D 174 -24.29 19.55 15.87
C ASN D 174 -23.10 18.58 15.76
N GLU D 175 -23.36 17.38 15.24
CA GLU D 175 -22.31 16.37 15.03
C GLU D 175 -21.74 16.44 13.61
N ILE D 176 -22.35 17.28 12.76
CA ILE D 176 -21.87 17.50 11.40
C ILE D 176 -20.91 18.67 11.44
N LEU D 177 -19.66 18.43 11.03
CA LEU D 177 -18.58 19.39 11.22
C LEU D 177 -18.31 20.25 10.00
N ASN D 178 -18.00 21.51 10.25
CA ASN D 178 -17.62 22.41 9.19
C ASN D 178 -16.16 22.84 9.32
N TYR D 179 -15.34 22.47 8.33
CA TYR D 179 -13.93 22.82 8.32
C TYR D 179 -13.35 22.67 6.90
N LYS D 180 -12.14 23.19 6.71
CA LYS D 180 -11.47 23.12 5.42
C LYS D 180 -10.43 22.00 5.42
N ARG D 181 -10.47 21.12 4.42
CA ARG D 181 -9.33 20.23 4.17
C ARG D 181 -8.20 21.02 3.53
N ASP D 182 -6.96 20.65 3.80
CA ASP D 182 -5.80 21.33 3.21
C ASP D 182 -5.81 21.34 1.68
N ASP D 183 -6.44 20.35 1.08
CA ASP D 183 -6.49 20.26 -0.39
C ASP D 183 -7.74 20.91 -1.00
N GLU D 184 -8.55 21.57 -0.17
CA GLU D 184 -9.86 22.13 -0.63
C GLU D 184 -9.82 22.84 -1.98
N CYS D 185 -8.81 23.68 -2.19
CA CYS D 185 -8.68 24.46 -3.44
C CYS D 185 -8.54 23.62 -4.71
N GLU D 186 -8.15 22.37 -4.55
CA GLU D 186 -7.99 21.45 -5.68
C GLU D 186 -9.31 20.80 -6.07
N HIS D 187 -10.27 20.81 -5.14
CA HIS D 187 -11.58 20.18 -5.37
C HIS D 187 -12.73 21.16 -5.47
N TYR D 188 -12.80 22.13 -4.57
CA TYR D 188 -13.85 23.14 -4.58
C TYR D 188 -13.46 24.40 -5.36
N TYR D 189 -12.15 24.54 -5.61
CA TYR D 189 -11.53 25.80 -6.09
C TYR D 189 -11.54 26.86 -4.99
N CYS D 190 -10.62 27.82 -5.11
CA CYS D 190 -10.50 28.92 -4.18
C CYS D 190 -10.41 30.24 -4.92
N SER E 23 10.81 -2.65 -33.52
CA SER E 23 9.30 -2.71 -33.63
C SER E 23 8.59 -1.35 -33.65
N MET E 24 7.67 -1.20 -34.59
CA MET E 24 6.83 0.01 -34.72
C MET E 24 5.87 0.22 -33.55
N LEU E 25 5.67 -0.82 -32.75
CA LEU E 25 4.72 -0.73 -31.66
C LEU E 25 5.29 -0.03 -30.43
N LEU E 26 6.62 0.08 -30.36
CA LEU E 26 7.27 0.80 -29.26
C LEU E 26 6.97 2.27 -29.38
N GLN E 27 6.40 2.85 -28.34
CA GLN E 27 5.99 4.24 -28.41
C GLN E 27 6.46 5.00 -27.20
N LYS E 28 6.61 6.32 -27.37
CA LYS E 28 6.86 7.22 -26.27
C LYS E 28 5.69 8.18 -26.14
N THR E 29 5.27 8.44 -24.91
CA THR E 29 4.18 9.36 -24.64
C THR E 29 4.55 10.40 -23.59
N LEU E 30 3.99 11.59 -23.70
CA LEU E 30 4.26 12.67 -22.76
C LEU E 30 3.21 12.69 -21.65
N CYS E 31 3.70 12.72 -20.41
CA CYS E 31 2.88 12.81 -19.21
C CYS E 31 3.27 14.02 -18.39
N ILE E 32 2.28 14.63 -17.76
CA ILE E 32 2.49 15.78 -16.87
C ILE E 32 1.68 15.52 -15.60
N VAL E 33 2.35 15.50 -14.45
CA VAL E 33 1.61 15.61 -13.20
C VAL E 33 1.30 17.10 -13.10
N LYS E 34 0.01 17.42 -13.14
CA LYS E 34 -0.46 18.81 -13.15
C LYS E 34 -0.27 19.49 -11.78
N PRO E 35 -0.53 20.81 -11.69
CA PRO E 35 -0.24 21.51 -10.43
C PRO E 35 -1.03 20.99 -9.23
N ASP E 36 -2.26 20.51 -9.47
CA ASP E 36 -3.02 19.88 -8.40
C ASP E 36 -2.27 18.66 -7.84
N GLY E 37 -1.84 17.75 -8.72
CA GLY E 37 -1.07 16.56 -8.33
C GLY E 37 0.22 16.90 -7.59
N VAL E 38 0.96 17.88 -8.11
CA VAL E 38 2.17 18.35 -7.46
C VAL E 38 1.90 18.90 -6.05
N ARG E 39 0.95 19.83 -5.94
CA ARG E 39 0.66 20.49 -4.65
C ARG E 39 0.04 19.54 -3.62
N ARG E 40 -0.62 18.47 -4.08
CA ARG E 40 -1.18 17.47 -3.18
C ARG E 40 -0.21 16.37 -2.82
N GLY E 41 1.02 16.44 -3.34
CA GLY E 41 2.07 15.48 -2.99
C GLY E 41 1.87 14.11 -3.62
N LEU E 42 1.42 14.10 -4.86
CA LEU E 42 1.08 12.85 -5.53
C LEU E 42 2.04 12.43 -6.64
N ILE E 43 3.21 13.06 -6.74
CA ILE E 43 4.13 12.72 -7.85
C ILE E 43 4.53 11.24 -7.80
N GLY E 44 4.99 10.80 -6.63
CA GLY E 44 5.41 9.43 -6.43
C GLY E 44 4.32 8.41 -6.74
N ASP E 45 3.10 8.67 -6.24
CA ASP E 45 1.95 7.81 -6.53
C ASP E 45 1.73 7.64 -8.01
N VAL E 46 1.86 8.74 -8.77
CA VAL E 46 1.58 8.68 -10.20
C VAL E 46 2.65 7.88 -10.92
N VAL E 47 3.90 8.19 -10.64
CA VAL E 47 5.04 7.52 -11.26
C VAL E 47 5.00 6.01 -10.99
N SER E 48 4.71 5.62 -9.75
CA SER E 48 4.57 4.20 -9.37
C SER E 48 3.57 3.41 -10.22
N ARG E 49 2.46 4.06 -10.60
CA ARG E 49 1.43 3.36 -11.37
C ARG E 49 2.05 2.91 -12.69
N PHE E 50 2.90 3.75 -13.26
CA PHE E 50 3.53 3.43 -14.52
C PHE E 50 4.69 2.43 -14.38
N GLU E 51 5.57 2.65 -13.42
CA GLU E 51 6.62 1.66 -13.14
C GLU E 51 6.05 0.27 -12.86
N ARG E 52 4.97 0.21 -12.06
CA ARG E 52 4.38 -1.06 -11.63
C ARG E 52 3.88 -1.96 -12.78
N VAL E 53 3.30 -1.37 -13.84
CA VAL E 53 2.78 -2.16 -14.96
C VAL E 53 3.89 -2.60 -15.89
N GLY E 54 5.06 -1.98 -15.75
CA GLY E 54 6.21 -2.30 -16.58
C GLY E 54 6.61 -1.21 -17.57
N LEU E 55 5.88 -0.10 -17.58
CA LEU E 55 6.25 1.04 -18.43
C LEU E 55 7.52 1.71 -17.89
N LYS E 56 8.31 2.26 -18.79
CA LYS E 56 9.62 2.80 -18.46
C LYS E 56 9.66 4.34 -18.53
N MET E 57 10.11 4.98 -17.44
CA MET E 57 10.35 6.43 -17.43
C MET E 57 11.64 6.74 -18.17
N VAL E 58 11.56 7.50 -19.26
CA VAL E 58 12.75 7.79 -20.09
C VAL E 58 13.11 9.29 -20.14
N ALA E 59 12.35 10.12 -19.41
CA ALA E 59 12.67 11.52 -19.23
C ALA E 59 11.84 12.04 -18.09
N ALA E 60 12.37 13.04 -17.38
CA ALA E 60 11.63 13.74 -16.31
C ALA E 60 12.25 15.10 -16.01
N LYS E 61 11.40 16.06 -15.67
CA LYS E 61 11.87 17.35 -15.18
C LYS E 61 10.73 18.10 -14.50
N MET E 62 11.09 18.92 -13.53
CA MET E 62 10.12 19.68 -12.78
C MET E 62 10.31 21.15 -13.11
N LEU E 63 9.23 21.88 -13.39
CA LEU E 63 9.34 23.28 -13.74
C LEU E 63 8.07 24.05 -13.41
N ILE E 64 8.25 25.37 -13.24
CA ILE E 64 7.17 26.34 -13.15
C ILE E 64 6.84 26.71 -14.61
N VAL E 65 5.59 26.51 -15.02
CA VAL E 65 5.27 26.69 -16.43
C VAL E 65 4.88 28.14 -16.69
N ASP E 66 5.62 28.80 -17.56
CA ASP E 66 5.22 30.15 -17.97
C ASP E 66 4.16 30.07 -19.09
N GLU E 67 3.44 31.18 -19.24
CA GLU E 67 2.28 31.24 -20.11
C GLU E 67 2.54 30.82 -21.56
N SER E 68 3.71 31.17 -22.10
CA SER E 68 3.98 30.88 -23.50
C SER E 68 4.16 29.39 -23.77
N LEU E 69 4.80 28.68 -22.83
CA LEU E 69 4.95 27.23 -22.93
C LEU E 69 3.57 26.57 -22.79
N ALA E 70 2.80 27.00 -21.80
CA ALA E 70 1.43 26.50 -21.60
C ALA E 70 0.61 26.57 -22.89
N LYS E 71 0.85 27.64 -23.65
CA LYS E 71 0.14 27.90 -24.91
C LYS E 71 0.69 27.09 -26.09
N LYS E 72 1.95 26.67 -26.04
CA LYS E 72 2.46 25.70 -27.03
C LYS E 72 1.87 24.29 -26.78
N HIS E 73 1.71 23.92 -25.52
CA HIS E 73 1.15 22.60 -25.17
C HIS E 73 -0.33 22.48 -25.42
N TYR E 74 -1.12 23.45 -24.95
CA TYR E 74 -2.57 23.44 -25.18
C TYR E 74 -2.90 24.40 -26.32
N LEU E 75 -2.90 23.86 -27.53
CA LEU E 75 -3.03 24.64 -28.76
C LEU E 75 -4.45 25.15 -28.94
N TYR E 76 -4.56 26.47 -28.98
CA TYR E 76 -5.83 27.16 -29.18
C TYR E 76 -6.71 26.47 -30.23
N ASP E 77 -6.18 26.30 -31.44
CA ASP E 77 -6.98 25.74 -32.54
C ASP E 77 -7.48 24.33 -32.23
N ASP E 78 -6.62 23.49 -31.65
CA ASP E 78 -7.01 22.13 -31.28
C ASP E 78 -8.08 22.12 -30.17
N ILE E 79 -7.84 22.86 -29.08
CA ILE E 79 -8.74 22.86 -27.92
C ILE E 79 -10.09 23.55 -28.18
N VAL E 80 -10.08 24.63 -28.97
CA VAL E 80 -11.33 25.29 -29.36
C VAL E 80 -12.18 24.40 -30.28
N PHE E 81 -11.54 23.71 -31.23
CA PHE E 81 -12.25 22.80 -32.15
C PHE E 81 -12.79 21.57 -31.43
N ARG E 82 -12.01 21.04 -30.49
CA ARG E 82 -12.42 19.90 -29.68
C ARG E 82 -13.44 20.27 -28.58
N HIS E 83 -13.33 21.48 -28.03
CA HIS E 83 -14.22 21.88 -26.92
C HIS E 83 -14.75 23.28 -27.03
N SER E 84 -14.02 24.27 -26.49
CA SER E 84 -14.44 25.68 -26.51
C SER E 84 -13.30 26.64 -26.13
N GLU E 85 -13.51 27.94 -26.38
CA GLU E 85 -12.57 28.99 -25.96
C GLU E 85 -12.44 29.06 -24.43
N ALA E 86 -13.54 28.88 -23.71
CA ALA E 86 -13.55 28.86 -22.25
C ALA E 86 -12.70 27.70 -21.68
N VAL E 87 -12.83 26.53 -22.30
CA VAL E 87 -12.01 25.37 -21.92
C VAL E 87 -10.50 25.65 -22.08
N TRP E 88 -10.09 26.21 -23.22
CA TRP E 88 -8.67 26.54 -23.49
C TRP E 88 -8.12 27.52 -22.50
N ASN E 89 -8.91 28.53 -22.18
CA ASN E 89 -8.52 29.58 -21.26
C ASN E 89 -8.28 29.08 -19.84
N SER E 90 -9.22 28.27 -19.35
CA SER E 90 -9.05 27.72 -18.01
C SER E 90 -7.90 26.72 -17.91
N LEU E 91 -7.59 26.02 -18.99
CA LEU E 91 -6.42 25.13 -19.00
C LEU E 91 -5.16 25.96 -18.87
N ILE E 92 -5.07 27.05 -19.66
CA ILE E 92 -3.91 27.94 -19.61
C ILE E 92 -3.74 28.53 -18.21
N LYS E 93 -4.84 29.03 -17.63
CA LYS E 93 -4.78 29.67 -16.32
C LYS E 93 -4.35 28.68 -15.22
N PHE E 94 -4.90 27.46 -15.26
CA PHE E 94 -4.53 26.37 -14.32
C PHE E 94 -3.03 26.08 -14.37
N ILE E 95 -2.49 25.88 -15.57
CA ILE E 95 -1.10 25.46 -15.76
C ILE E 95 -0.06 26.57 -15.59
N SER E 96 -0.40 27.79 -16.05
CA SER E 96 0.54 28.92 -16.07
C SER E 96 1.00 29.35 -14.69
N ASN E 97 2.31 29.59 -14.59
CA ASN E 97 2.98 30.02 -13.35
C ASN E 97 2.80 29.04 -12.20
N SER E 98 2.53 27.78 -12.53
CA SER E 98 2.34 26.76 -11.53
C SER E 98 3.29 25.58 -11.77
N PRO E 99 3.66 24.83 -10.70
CA PRO E 99 4.64 23.75 -10.86
C PRO E 99 4.06 22.53 -11.58
N VAL E 100 4.84 21.93 -12.46
CA VAL E 100 4.47 20.63 -13.02
C VAL E 100 5.64 19.66 -12.90
N PHE E 101 5.32 18.37 -12.95
CA PHE E 101 6.32 17.32 -13.07
C PHE E 101 6.02 16.63 -14.39
N THR E 102 6.91 16.81 -15.35
CA THR E 102 6.69 16.31 -16.69
C THR E 102 7.63 15.14 -16.91
N PHE E 103 7.14 14.11 -17.59
CA PHE E 103 7.94 12.93 -17.86
C PHE E 103 7.49 12.24 -19.14
N VAL E 104 8.36 11.39 -19.66
CA VAL E 104 8.09 10.61 -20.87
C VAL E 104 8.11 9.12 -20.48
N VAL E 105 7.10 8.40 -20.96
CA VAL E 105 6.97 6.98 -20.72
C VAL E 105 7.14 6.24 -22.03
N GLU E 106 7.95 5.17 -22.00
CA GLU E 106 8.22 4.36 -23.18
C GLU E 106 7.72 2.95 -22.94
N GLY E 107 7.13 2.36 -23.98
CA GLY E 107 6.79 0.95 -23.98
C GLY E 107 5.92 0.51 -25.14
N VAL E 108 5.57 -0.78 -25.14
CA VAL E 108 4.69 -1.36 -26.18
C VAL E 108 3.30 -0.70 -26.15
N GLU E 109 2.92 -0.03 -27.24
CA GLU E 109 1.66 0.74 -27.31
C GLU E 109 1.42 1.57 -26.03
N SER E 110 2.49 2.22 -25.55
CA SER E 110 2.44 3.00 -24.32
C SER E 110 1.38 4.09 -24.33
N ILE E 111 1.09 4.66 -25.49
CA ILE E 111 0.13 5.78 -25.55
C ILE E 111 -1.28 5.35 -25.13
N GLU E 112 -1.81 4.32 -25.78
CA GLU E 112 -3.11 3.78 -25.39
C GLU E 112 -3.10 3.25 -23.95
N VAL E 113 -2.03 2.56 -23.57
CA VAL E 113 -1.94 1.96 -22.23
C VAL E 113 -1.94 3.05 -21.15
N VAL E 114 -1.08 4.05 -21.30
CA VAL E 114 -1.03 5.22 -20.39
C VAL E 114 -2.41 5.87 -20.23
N ARG E 115 -3.16 6.02 -21.33
CA ARG E 115 -4.53 6.58 -21.30
C ARG E 115 -5.49 5.72 -20.46
N LYS E 116 -5.43 4.40 -20.65
CA LYS E 116 -6.22 3.46 -19.86
C LYS E 116 -5.94 3.64 -18.36
N LEU E 117 -4.66 3.77 -18.01
CA LEU E 117 -4.24 3.88 -16.61
C LEU E 117 -4.66 5.18 -15.94
N CYS E 118 -4.69 6.25 -16.72
CA CYS E 118 -5.16 7.57 -16.25
C CYS E 118 -6.65 7.60 -15.96
N GLY E 119 -7.42 6.90 -16.80
CA GLY E 119 -8.88 6.95 -16.71
C GLY E 119 -9.50 8.18 -17.33
N ALA E 120 -10.82 8.21 -17.42
CA ALA E 120 -11.55 9.27 -18.11
C ALA E 120 -11.13 10.67 -17.65
N THR E 121 -11.19 11.61 -18.58
CA THR E 121 -10.85 13.02 -18.34
C THR E 121 -11.55 13.59 -17.11
N GLU E 122 -12.83 13.29 -16.96
CA GLU E 122 -13.59 13.82 -15.84
C GLU E 122 -13.46 12.88 -14.63
N PRO E 123 -12.85 13.37 -13.53
CA PRO E 123 -12.67 12.56 -12.31
C PRO E 123 -13.94 11.92 -11.79
N LYS E 124 -15.06 12.67 -11.80
CA LYS E 124 -16.35 12.13 -11.40
C LYS E 124 -16.66 10.78 -12.05
N LEU E 125 -16.35 10.64 -13.34
CA LEU E 125 -16.66 9.41 -14.08
C LEU E 125 -15.49 8.43 -14.18
N ALA E 126 -14.29 8.85 -13.78
CA ALA E 126 -13.10 8.04 -13.95
C ALA E 126 -13.21 6.78 -13.08
N ILE E 127 -12.89 5.63 -13.66
CA ILE E 127 -13.11 4.36 -13.00
C ILE E 127 -12.12 4.09 -11.86
N PRO E 128 -12.61 3.62 -10.69
CA PRO E 128 -11.73 3.21 -9.59
C PRO E 128 -10.61 2.29 -10.09
N GLY E 129 -9.41 2.47 -9.57
CA GLY E 129 -8.25 1.75 -10.08
C GLY E 129 -7.40 2.61 -10.97
N THR E 130 -7.99 3.57 -11.69
CA THR E 130 -7.20 4.48 -12.52
C THR E 130 -6.65 5.63 -11.67
N ILE E 131 -5.66 6.38 -12.17
CA ILE E 131 -5.10 7.52 -11.42
C ILE E 131 -6.18 8.56 -11.06
N ARG E 132 -6.96 9.00 -12.05
CA ARG E 132 -7.99 10.00 -11.82
C ARG E 132 -9.08 9.47 -10.91
N GLY E 133 -9.48 8.22 -11.14
CA GLY E 133 -10.49 7.58 -10.30
C GLY E 133 -10.13 7.45 -8.83
N ASP E 134 -8.86 7.14 -8.54
CA ASP E 134 -8.38 6.95 -7.18
C ASP E 134 -7.98 8.26 -6.48
N PHE E 135 -7.55 9.26 -7.25
CA PHE E 135 -6.97 10.47 -6.65
C PHE E 135 -7.75 11.79 -6.82
N SER E 136 -8.81 11.77 -7.61
CA SER E 136 -9.65 12.95 -7.78
C SER E 136 -11.11 12.55 -8.03
N TYR E 137 -12.03 13.52 -8.05
CA TYR E 137 -13.45 13.17 -8.04
C TYR E 137 -14.43 14.20 -8.64
N HIS E 138 -14.07 15.48 -8.69
CA HIS E 138 -15.05 16.51 -9.07
C HIS E 138 -15.43 16.48 -10.54
N SER E 139 -16.45 17.27 -10.90
CA SER E 139 -17.16 17.12 -12.18
C SER E 139 -17.00 18.28 -13.14
N PHE E 140 -17.20 18.01 -14.43
CA PHE E 140 -17.26 19.05 -15.45
C PHE E 140 -18.37 20.05 -15.12
N LYS E 141 -19.48 19.52 -14.60
CA LYS E 141 -20.63 20.34 -14.22
C LYS E 141 -20.19 21.39 -13.22
N TYR E 142 -19.44 20.96 -12.21
CA TYR E 142 -18.95 21.86 -11.17
C TYR E 142 -17.94 22.88 -11.68
N SER E 143 -16.95 22.43 -12.43
CA SER E 143 -15.90 23.30 -12.95
C SER E 143 -16.47 24.35 -13.91
N ASN E 144 -17.48 23.95 -14.69
CA ASN E 144 -18.20 24.89 -15.57
C ASN E 144 -18.91 25.97 -14.78
N GLU E 145 -19.57 25.57 -13.69
CA GLU E 145 -20.24 26.50 -12.81
C GLU E 145 -19.23 27.48 -12.19
N LYS E 146 -18.07 26.97 -11.80
CA LYS E 146 -17.09 27.81 -11.11
C LYS E 146 -16.15 28.59 -12.02
N GLY E 147 -16.04 28.18 -13.28
CA GLY E 147 -15.18 28.86 -14.25
C GLY E 147 -13.72 28.45 -14.17
N PHE E 148 -13.47 27.25 -13.67
CA PHE E 148 -12.10 26.74 -13.56
C PHE E 148 -11.91 25.49 -14.43
N SER E 149 -10.65 25.16 -14.73
CA SER E 149 -10.33 23.92 -15.40
C SER E 149 -10.68 22.75 -14.48
N ILE E 150 -10.93 21.59 -15.07
CA ILE E 150 -10.99 20.37 -14.28
C ILE E 150 -9.59 20.08 -13.72
N TYR E 151 -9.52 19.72 -12.44
CA TYR E 151 -8.27 19.36 -11.79
C TYR E 151 -8.23 17.85 -11.72
N ASN E 152 -7.67 17.25 -12.76
CA ASN E 152 -7.68 15.80 -12.88
C ASN E 152 -6.31 15.16 -12.82
N VAL E 153 -5.37 15.80 -12.10
CA VAL E 153 -4.10 15.19 -11.64
C VAL E 153 -2.96 15.09 -12.65
N ILE E 154 -3.28 14.60 -13.85
CA ILE E 154 -2.28 14.18 -14.82
C ILE E 154 -2.76 14.53 -16.23
N HIS E 155 -1.82 14.86 -17.12
CA HIS E 155 -2.07 14.89 -18.56
C HIS E 155 -1.30 13.76 -19.21
N ALA E 156 -1.91 13.12 -20.21
CA ALA E 156 -1.21 12.15 -21.05
C ALA E 156 -1.59 12.34 -22.52
N SER E 157 -0.62 12.25 -23.44
CA SER E 157 -0.90 12.39 -24.88
C SER E 157 -2.08 11.52 -25.37
N ALA E 158 -3.03 12.14 -26.08
CA ALA E 158 -4.26 11.47 -26.54
C ALA E 158 -4.04 10.37 -27.59
N ASN E 159 -3.07 10.59 -28.47
CA ASN E 159 -2.80 9.69 -29.60
C ASN E 159 -1.37 9.90 -30.09
N GLU E 160 -1.00 9.20 -31.17
CA GLU E 160 0.37 9.20 -31.62
C GLU E 160 0.85 10.55 -32.15
N ALA E 161 -0.02 11.26 -32.87
CA ALA E 161 0.33 12.57 -33.44
C ALA E 161 0.58 13.59 -32.32
N ASP E 162 -0.33 13.59 -31.33
CA ASP E 162 -0.20 14.40 -30.13
C ASP E 162 1.12 14.15 -29.39
N ALA E 163 1.47 12.88 -29.20
CA ALA E 163 2.72 12.50 -28.50
C ALA E 163 3.96 13.02 -29.25
N MET E 164 3.97 12.87 -30.57
CA MET E 164 5.05 13.39 -31.39
C MET E 164 5.17 14.91 -31.27
N ARG E 165 4.04 15.60 -31.30
CA ARG E 165 4.02 17.06 -31.14
C ARG E 165 4.47 17.48 -29.74
N GLU E 166 3.92 16.83 -28.72
CA GLU E 166 4.11 17.25 -27.32
C GLU E 166 5.49 17.05 -26.73
N ILE E 167 6.16 15.93 -27.02
CA ILE E 167 7.45 15.61 -26.38
C ILE E 167 8.55 16.69 -26.61
N PRO E 168 8.80 17.10 -27.88
CA PRO E 168 9.80 18.15 -28.14
C PRO E 168 9.47 19.50 -27.52
N ILE E 169 8.19 19.78 -27.30
CA ILE E 169 7.79 20.99 -26.61
C ILE E 169 8.37 21.00 -25.19
N TRP E 170 8.42 19.83 -24.56
CA TRP E 170 8.89 19.74 -23.18
C TRP E 170 10.32 19.31 -23.03
N PHE E 171 10.81 18.43 -23.93
CA PHE E 171 12.15 17.83 -23.80
C PHE E 171 12.96 17.98 -25.09
N LYS E 172 14.24 18.32 -24.94
CA LYS E 172 15.19 18.18 -26.03
C LYS E 172 15.47 16.70 -26.27
N ASP E 173 15.92 16.39 -27.48
CA ASP E 173 16.26 15.03 -27.87
C ASP E 173 17.28 14.39 -26.95
N ASN E 174 18.21 15.20 -26.43
CA ASN E 174 19.26 14.66 -25.54
C ASN E 174 18.81 14.49 -24.08
N GLU E 175 17.52 14.70 -23.82
CA GLU E 175 16.93 14.49 -22.47
C GLU E 175 16.09 13.22 -22.42
N ILE E 176 15.85 12.63 -23.58
CA ILE E 176 15.21 11.34 -23.69
C ILE E 176 16.28 10.27 -23.53
N LEU E 177 16.17 9.45 -22.49
CA LEU E 177 17.20 8.48 -22.13
C LEU E 177 17.01 7.10 -22.77
N ASN E 178 18.12 6.46 -23.13
CA ASN E 178 18.13 5.06 -23.56
C ASN E 178 18.82 4.16 -22.51
N TYR E 179 18.05 3.27 -21.88
CA TYR E 179 18.58 2.31 -20.90
C TYR E 179 17.61 1.14 -20.76
N LYS E 180 18.06 0.06 -20.14
CA LYS E 180 17.22 -1.12 -19.94
C LYS E 180 16.69 -1.25 -18.53
N ARG E 181 15.37 -1.40 -18.42
CA ARG E 181 14.76 -1.77 -17.16
C ARG E 181 15.13 -3.22 -16.87
N ASP E 182 15.25 -3.59 -15.60
CA ASP E 182 15.66 -4.96 -15.26
C ASP E 182 14.61 -6.01 -15.64
N ASP E 183 13.38 -5.56 -15.83
CA ASP E 183 12.28 -6.46 -16.19
C ASP E 183 12.00 -6.41 -17.70
N GLU E 184 12.89 -5.78 -18.46
CA GLU E 184 12.69 -5.62 -19.92
C GLU E 184 12.28 -6.88 -20.69
N CYS E 185 12.90 -8.02 -20.37
CA CYS E 185 12.61 -9.29 -21.05
C CYS E 185 11.16 -9.77 -20.81
N GLU E 186 10.52 -9.26 -19.77
CA GLU E 186 9.14 -9.65 -19.51
C GLU E 186 8.16 -8.83 -20.34
N HIS E 187 8.62 -7.68 -20.86
CA HIS E 187 7.75 -6.77 -21.62
C HIS E 187 8.09 -6.72 -23.10
N TYR E 188 9.37 -6.51 -23.43
CA TYR E 188 9.81 -6.42 -24.82
C TYR E 188 10.21 -7.79 -25.36
N TYR E 189 10.37 -8.76 -24.46
CA TYR E 189 11.01 -10.06 -24.73
C TYR E 189 12.50 -9.93 -24.99
N CYS E 190 13.21 -11.04 -24.90
CA CYS E 190 14.65 -11.02 -25.07
C CYS E 190 15.13 -12.14 -25.96
N SER F 23 -9.04 -10.41 32.08
CA SER F 23 -7.60 -10.10 32.35
C SER F 23 -7.31 -8.61 32.55
N MET F 24 -6.45 -8.28 33.51
CA MET F 24 -6.08 -6.89 33.81
C MET F 24 -5.09 -6.31 32.80
N LEU F 25 -4.48 -7.17 32.00
CA LEU F 25 -3.58 -6.72 30.93
C LEU F 25 -4.34 -6.14 29.73
N LEU F 26 -5.63 -6.45 29.61
CA LEU F 26 -6.48 -5.88 28.57
C LEU F 26 -6.76 -4.42 28.89
N GLN F 27 -6.17 -3.53 28.10
CA GLN F 27 -6.28 -2.09 28.37
C GLN F 27 -6.94 -1.35 27.23
N LYS F 28 -7.59 -0.25 27.59
CA LYS F 28 -8.14 0.69 26.62
C LYS F 28 -7.29 1.95 26.65
N THR F 29 -7.04 2.53 25.48
CA THR F 29 -6.24 3.75 25.40
C THR F 29 -6.97 4.80 24.55
N LEU F 30 -6.83 6.07 24.90
CA LEU F 30 -7.43 7.14 24.12
C LEU F 30 -6.48 7.67 23.06
N CYS F 31 -6.99 7.81 21.84
CA CYS F 31 -6.24 8.32 20.70
C CYS F 31 -6.99 9.45 20.03
N ILE F 32 -6.26 10.45 19.56
CA ILE F 32 -6.82 11.58 18.83
C ILE F 32 -6.01 11.80 17.56
N VAL F 33 -6.67 11.75 16.41
CA VAL F 33 -6.05 12.28 15.22
C VAL F 33 -6.27 13.79 15.35
N LYS F 34 -5.17 14.52 15.47
CA LYS F 34 -5.18 15.96 15.70
C LYS F 34 -5.50 16.73 14.41
N PRO F 35 -5.85 18.03 14.53
CA PRO F 35 -6.29 18.82 13.39
C PRO F 35 -5.40 18.72 12.14
N ASP F 36 -4.09 18.61 12.32
CA ASP F 36 -3.17 18.42 11.19
C ASP F 36 -3.44 17.10 10.47
N GLY F 37 -3.64 16.03 11.24
CA GLY F 37 -3.95 14.72 10.65
C GLY F 37 -5.26 14.77 9.89
N VAL F 38 -6.28 15.38 10.49
CA VAL F 38 -7.58 15.51 9.85
C VAL F 38 -7.53 16.36 8.56
N ARG F 39 -6.99 17.57 8.63
CA ARG F 39 -6.92 18.44 7.46
C ARG F 39 -6.04 17.84 6.33
N ARG F 40 -5.14 16.91 6.68
CA ARG F 40 -4.25 16.25 5.70
C ARG F 40 -4.84 14.96 5.10
N GLY F 41 -6.00 14.54 5.61
CA GLY F 41 -6.67 13.33 5.12
C GLY F 41 -5.96 12.05 5.55
N LEU F 42 -5.46 12.04 6.78
CA LEU F 42 -4.68 10.92 7.30
C LEU F 42 -5.43 9.99 8.28
N ILE F 43 -6.74 10.21 8.45
CA ILE F 43 -7.54 9.42 9.38
C ILE F 43 -7.54 7.91 9.09
N GLY F 44 -7.81 7.53 7.84
CA GLY F 44 -7.82 6.11 7.46
C GLY F 44 -6.45 5.47 7.67
N ASP F 45 -5.39 6.17 7.24
CA ASP F 45 -4.02 5.68 7.41
C ASP F 45 -3.73 5.39 8.87
N VAL F 46 -4.16 6.28 9.76
CA VAL F 46 -3.92 6.11 11.20
C VAL F 46 -4.66 4.90 11.77
N VAL F 47 -5.97 4.86 11.56
CA VAL F 47 -6.81 3.74 12.00
C VAL F 47 -6.26 2.40 11.51
N SER F 48 -5.84 2.34 10.25
CA SER F 48 -5.32 1.09 9.69
C SER F 48 -4.08 0.59 10.41
N ARG F 49 -3.24 1.51 10.91
CA ARG F 49 -2.02 1.08 11.61
C ARG F 49 -2.38 0.24 12.79
N PHE F 50 -3.44 0.63 13.49
CA PHE F 50 -3.89 -0.08 14.69
C PHE F 50 -4.70 -1.34 14.36
N GLU F 51 -5.59 -1.26 13.36
CA GLU F 51 -6.34 -2.44 12.95
C GLU F 51 -5.40 -3.54 12.43
N ARG F 52 -4.33 -3.13 11.74
CA ARG F 52 -3.40 -4.05 11.11
C ARG F 52 -2.62 -4.89 12.15
N VAL F 53 -2.19 -4.30 13.27
CA VAL F 53 -1.42 -5.07 14.26
C VAL F 53 -2.31 -5.99 15.06
N GLY F 54 -3.60 -5.70 15.09
CA GLY F 54 -4.56 -6.54 15.80
C GLY F 54 -5.33 -5.80 16.88
N LEU F 55 -4.98 -4.54 17.11
CA LEU F 55 -5.66 -3.73 18.11
C LEU F 55 -7.09 -3.41 17.64
N LYS F 56 -7.99 -3.21 18.58
CA LYS F 56 -9.42 -3.14 18.30
C LYS F 56 -10.00 -1.75 18.56
N MET F 57 -10.63 -1.16 17.55
CA MET F 57 -11.34 0.12 17.69
C MET F 57 -12.66 -0.12 18.44
N VAL F 58 -12.79 0.45 19.63
CA VAL F 58 -14.03 0.28 20.42
C VAL F 58 -14.83 1.55 20.65
N ALA F 59 -14.28 2.70 20.24
CA ALA F 59 -15.06 3.93 20.23
C ALA F 59 -14.51 4.88 19.20
N ALA F 60 -15.36 5.78 18.71
CA ALA F 60 -14.89 6.80 17.81
C ALA F 60 -15.95 7.89 17.59
N LYS F 61 -15.48 9.13 17.55
CA LYS F 61 -16.31 10.27 17.17
C LYS F 61 -15.45 11.40 16.61
N MET F 62 -16.08 12.22 15.79
CA MET F 62 -15.44 13.38 15.19
C MET F 62 -16.14 14.63 15.69
N LEU F 63 -15.35 15.57 16.22
N LEU F 63 -15.38 15.56 16.27
CA LEU F 63 -15.87 16.81 16.76
CA LEU F 63 -15.96 16.84 16.72
C LEU F 63 -14.96 18.02 16.47
C LEU F 63 -14.97 17.99 16.70
N ILE F 64 -15.49 19.22 16.68
CA ILE F 64 -14.68 20.45 16.75
C ILE F 64 -14.40 20.63 18.25
N VAL F 65 -13.15 20.79 18.64
CA VAL F 65 -12.84 20.90 20.06
C VAL F 65 -13.01 22.34 20.58
N ASP F 66 -14.00 22.57 21.44
CA ASP F 66 -14.07 23.91 22.03
C ASP F 66 -12.99 24.08 23.10
N GLU F 67 -12.59 25.32 23.34
CA GLU F 67 -11.50 25.65 24.26
C GLU F 67 -11.68 25.00 25.63
N SER F 68 -12.93 24.88 26.06
CA SER F 68 -13.28 24.27 27.33
C SER F 68 -12.80 22.81 27.44
N LEU F 69 -13.08 22.02 26.41
CA LEU F 69 -12.68 20.62 26.34
C LEU F 69 -11.15 20.49 26.19
N ALA F 70 -10.58 21.30 25.31
CA ALA F 70 -9.13 21.38 25.15
C ALA F 70 -8.46 21.48 26.51
N LYS F 71 -8.94 22.42 27.33
CA LYS F 71 -8.40 22.67 28.68
C LYS F 71 -8.63 21.52 29.66
N LYS F 72 -9.67 20.74 29.44
CA LYS F 72 -9.92 19.51 30.20
C LYS F 72 -9.04 18.34 29.75
N HIS F 73 -8.59 18.36 28.50
CA HIS F 73 -7.72 17.29 27.99
C HIS F 73 -6.27 17.52 28.34
N TYR F 74 -5.75 18.69 27.96
CA TYR F 74 -4.41 19.10 28.34
C TYR F 74 -4.46 19.94 29.62
N LEU F 75 -4.14 19.30 30.74
CA LEU F 75 -4.23 19.96 32.05
C LEU F 75 -3.11 20.98 32.24
N TYR F 76 -3.51 22.22 32.54
CA TYR F 76 -2.57 23.31 32.79
C TYR F 76 -1.48 22.94 33.80
N ASP F 77 -1.88 22.46 34.97
CA ASP F 77 -0.94 22.00 36.00
C ASP F 77 0.04 20.93 35.49
N ASP F 78 -0.46 20.01 34.66
CA ASP F 78 0.33 18.89 34.12
C ASP F 78 1.39 19.32 33.09
N ILE F 79 1.00 20.24 32.22
CA ILE F 79 1.87 20.67 31.12
C ILE F 79 2.96 21.65 31.58
N VAL F 80 2.60 22.64 32.40
CA VAL F 80 3.56 23.65 32.85
C VAL F 80 4.61 23.07 33.80
N PHE F 81 4.27 21.99 34.50
CA PHE F 81 5.23 21.31 35.39
C PHE F 81 6.05 20.25 34.66
N ARG F 82 5.81 20.09 33.36
CA ARG F 82 6.53 19.11 32.52
C ARG F 82 6.98 19.69 31.17
N HIS F 83 6.66 20.95 30.93
CA HIS F 83 7.10 21.68 29.74
C HIS F 83 7.23 23.14 30.09
N SER F 84 6.28 23.97 29.65
CA SER F 84 6.23 25.40 30.02
C SER F 84 4.85 25.98 29.73
N GLU F 85 4.64 27.23 30.13
CA GLU F 85 3.35 27.91 29.89
C GLU F 85 3.15 28.30 28.41
N ALA F 86 4.25 28.57 27.73
CA ALA F 86 4.21 28.83 26.30
C ALA F 86 3.72 27.60 25.54
N VAL F 87 4.27 26.44 25.91
CA VAL F 87 3.91 25.14 25.34
C VAL F 87 2.41 24.87 25.44
N TRP F 88 1.87 25.03 26.66
CA TRP F 88 0.46 24.76 26.95
C TRP F 88 -0.46 25.72 26.25
N ASN F 89 -0.05 26.97 26.15
CA ASN F 89 -0.81 27.98 25.41
C ASN F 89 -0.96 27.61 23.93
N SER F 90 0.15 27.22 23.30
CA SER F 90 0.11 26.85 21.88
C SER F 90 -0.59 25.51 21.60
N LEU F 91 -0.59 24.60 22.58
CA LEU F 91 -1.39 23.36 22.48
C LEU F 91 -2.88 23.63 22.41
N ILE F 92 -3.38 24.46 23.34
CA ILE F 92 -4.78 24.90 23.35
C ILE F 92 -5.14 25.63 22.05
N LYS F 93 -4.23 26.47 21.56
CA LYS F 93 -4.38 27.16 20.27
C LYS F 93 -4.51 26.17 19.11
N PHE F 94 -3.65 25.16 19.08
CA PHE F 94 -3.65 24.10 18.07
C PHE F 94 -5.01 23.38 17.99
N ILE F 95 -5.48 22.91 19.13
CA ILE F 95 -6.68 22.06 19.20
C ILE F 95 -8.02 22.82 19.22
N SER F 96 -8.07 23.96 19.92
CA SER F 96 -9.33 24.69 20.08
C SER F 96 -9.90 25.10 18.75
N ASN F 97 -11.22 24.91 18.62
CA ASN F 97 -12.02 25.21 17.42
C ASN F 97 -11.46 24.64 16.13
N SER F 98 -10.95 23.41 16.22
CA SER F 98 -10.40 22.68 15.09
C SER F 98 -10.90 21.25 15.12
N PRO F 99 -11.02 20.61 13.94
CA PRO F 99 -11.58 19.25 13.91
C PRO F 99 -10.59 18.20 14.44
N VAL F 100 -11.10 17.21 15.17
CA VAL F 100 -10.31 16.04 15.51
C VAL F 100 -11.13 14.78 15.31
N PHE F 101 -10.43 13.65 15.19
CA PHE F 101 -11.05 12.34 15.21
C PHE F 101 -10.49 11.57 16.41
N THR F 102 -11.32 11.41 17.43
CA THR F 102 -10.95 10.77 18.69
C THR F 102 -11.48 9.34 18.71
N PHE F 103 -10.69 8.42 19.23
CA PHE F 103 -11.09 7.02 19.30
C PHE F 103 -10.44 6.24 20.42
N VAL F 104 -11.02 5.10 20.78
CA VAL F 104 -10.48 4.28 21.86
C VAL F 104 -10.03 2.97 21.28
N VAL F 105 -8.81 2.58 21.63
CA VAL F 105 -8.28 1.30 21.18
C VAL F 105 -8.15 0.33 22.36
N GLU F 106 -8.61 -0.90 22.17
CA GLU F 106 -8.52 -1.93 23.18
C GLU F 106 -7.60 -3.07 22.75
N GLY F 107 -6.76 -3.54 23.67
CA GLY F 107 -5.98 -4.75 23.45
C GLY F 107 -5.07 -5.11 24.62
N VAL F 108 -4.42 -6.27 24.51
CA VAL F 108 -3.34 -6.69 25.41
C VAL F 108 -2.26 -5.61 25.52
N GLU F 109 -2.15 -5.00 26.70
CA GLU F 109 -1.19 -3.93 26.97
C GLU F 109 -1.18 -2.87 25.87
N SER F 110 -2.37 -2.42 25.47
CA SER F 110 -2.52 -1.52 24.33
C SER F 110 -1.85 -0.17 24.49
N ILE F 111 -1.80 0.35 25.71
CA ILE F 111 -1.28 1.70 25.95
C ILE F 111 0.16 1.76 25.45
N GLU F 112 1.00 0.86 25.96
CA GLU F 112 2.40 0.80 25.56
C GLU F 112 2.56 0.51 24.06
N VAL F 113 1.74 -0.41 23.53
CA VAL F 113 1.85 -0.80 22.11
C VAL F 113 1.49 0.38 21.21
N VAL F 114 0.44 1.11 21.60
CA VAL F 114 -0.01 2.27 20.82
C VAL F 114 1.09 3.33 20.77
N ARG F 115 1.70 3.62 21.91
CA ARG F 115 2.83 4.56 21.97
C ARG F 115 3.97 4.13 21.07
N LYS F 116 4.27 2.83 21.07
CA LYS F 116 5.32 2.29 20.23
C LYS F 116 4.99 2.54 18.75
N LEU F 117 3.73 2.37 18.39
CA LEU F 117 3.31 2.53 17.02
C LEU F 117 3.26 3.99 16.57
N CYS F 118 3.02 4.90 17.52
CA CYS F 118 2.97 6.33 17.22
C CYS F 118 4.35 6.92 16.93
N GLY F 119 5.35 6.45 17.69
CA GLY F 119 6.74 6.94 17.60
C GLY F 119 6.96 8.15 18.47
N ALA F 120 8.20 8.65 18.50
CA ALA F 120 8.57 9.78 19.38
C ALA F 120 7.69 11.00 19.17
N THR F 121 7.49 11.77 20.24
CA THR F 121 6.68 12.96 20.20
C THR F 121 7.14 13.93 19.11
N GLU F 122 8.45 14.06 18.93
CA GLU F 122 9.03 14.96 17.93
C GLU F 122 9.15 14.26 16.59
N PRO F 123 8.40 14.73 15.56
CA PRO F 123 8.45 14.07 14.25
C PRO F 123 9.86 13.97 13.68
N LYS F 124 10.69 15.00 13.85
CA LYS F 124 12.08 14.94 13.38
C LYS F 124 12.76 13.67 13.85
N LEU F 125 12.55 13.30 15.11
CA LEU F 125 13.22 12.14 15.69
C LEU F 125 12.49 10.83 15.53
N ALA F 126 11.20 10.89 15.17
CA ALA F 126 10.36 9.70 15.15
C ALA F 126 10.85 8.73 14.06
N ILE F 127 11.06 7.48 14.46
CA ILE F 127 11.61 6.45 13.58
C ILE F 127 10.68 6.09 12.40
N PRO F 128 11.25 5.82 11.20
CA PRO F 128 10.42 5.41 10.04
C PRO F 128 9.67 4.13 10.38
N GLY F 129 8.47 3.95 9.86
CA GLY F 129 7.62 2.83 10.29
C GLY F 129 6.57 3.24 11.31
N THR F 130 6.86 4.27 12.11
CA THR F 130 5.85 4.75 13.04
C THR F 130 4.91 5.77 12.38
N ILE F 131 3.80 6.05 13.02
CA ILE F 131 2.83 7.00 12.46
C ILE F 131 3.48 8.38 12.23
N ARG F 132 4.19 8.86 13.24
CA ARG F 132 4.80 10.18 13.18
C ARG F 132 6.04 10.22 12.29
N GLY F 133 6.82 9.14 12.29
CA GLY F 133 8.01 9.04 11.48
C GLY F 133 7.68 8.95 10.00
N ASP F 134 6.55 8.32 9.67
CA ASP F 134 6.09 8.15 8.29
C ASP F 134 5.26 9.32 7.74
N PHE F 135 4.54 10.02 8.59
CA PHE F 135 3.60 11.05 8.12
C PHE F 135 3.91 12.51 8.53
N SER F 136 4.98 12.73 9.28
CA SER F 136 5.37 14.07 9.68
C SER F 136 6.89 14.11 9.94
N TYR F 137 7.46 15.31 10.03
CA TYR F 137 8.92 15.46 10.13
C TYR F 137 9.43 16.71 10.91
N HIS F 138 8.64 17.77 11.06
CA HIS F 138 9.22 19.00 11.61
C HIS F 138 9.65 18.89 13.06
N SER F 139 10.43 19.85 13.53
CA SER F 139 11.13 19.72 14.83
C SER F 139 10.67 20.68 15.94
N PHE F 140 11.01 20.31 17.18
CA PHE F 140 10.85 21.17 18.35
C PHE F 140 11.56 22.53 18.20
N LYS F 141 12.83 22.51 17.79
CA LYS F 141 13.58 23.76 17.53
C LYS F 141 12.74 24.69 16.62
N TYR F 142 12.10 24.11 15.61
CA TYR F 142 11.29 24.90 14.68
C TYR F 142 9.98 25.40 15.29
N SER F 143 9.27 24.52 16.00
CA SER F 143 8.03 24.91 16.69
C SER F 143 8.27 25.97 17.75
N ASN F 144 9.32 25.79 18.56
CA ASN F 144 9.77 26.81 19.51
C ASN F 144 10.04 28.14 18.81
N GLU F 145 10.86 28.07 17.75
CA GLU F 145 11.25 29.25 16.97
C GLU F 145 10.05 29.99 16.38
N LYS F 146 8.99 29.25 16.03
CA LYS F 146 7.81 29.85 15.40
C LYS F 146 6.66 30.19 16.37
N GLY F 147 6.74 29.68 17.59
CA GLY F 147 5.71 29.91 18.61
C GLY F 147 4.44 29.08 18.44
N PHE F 148 4.52 28.02 17.65
CA PHE F 148 3.39 27.09 17.45
C PHE F 148 3.64 25.75 18.13
N SER F 149 2.57 24.98 18.31
CA SER F 149 2.69 23.63 18.86
C SER F 149 3.31 22.70 17.82
N ILE F 150 3.97 21.64 18.29
CA ILE F 150 4.38 20.56 17.40
C ILE F 150 3.12 19.96 16.76
N TYR F 151 3.14 19.80 15.44
CA TYR F 151 2.03 19.18 14.72
C TYR F 151 2.44 17.76 14.39
N ASN F 152 2.08 16.83 15.28
CA ASN F 152 2.55 15.45 15.24
C ASN F 152 1.46 14.38 15.04
N VAL F 153 0.38 14.76 14.35
CA VAL F 153 -0.61 13.83 13.75
C VAL F 153 -1.57 13.16 14.75
N ILE F 154 -1.03 12.64 15.84
CA ILE F 154 -1.79 11.80 16.75
C ILE F 154 -1.46 12.10 18.22
N HIS F 155 -2.48 11.99 19.08
CA HIS F 155 -2.26 11.87 20.52
C HIS F 155 -2.59 10.47 20.95
N ALA F 156 -1.79 9.93 21.87
CA ALA F 156 -2.16 8.68 22.51
C ALA F 156 -1.84 8.80 23.99
N SER F 157 -2.71 8.22 24.83
CA SER F 157 -2.52 8.23 26.29
C SER F 157 -1.14 7.71 26.70
N ALA F 158 -0.46 8.45 27.57
CA ALA F 158 0.94 8.18 27.89
C ALA F 158 1.08 6.94 28.75
N ASN F 159 0.09 6.70 29.61
CA ASN F 159 0.11 5.57 30.54
C ASN F 159 -1.30 5.22 31.04
N GLU F 160 -1.38 4.24 31.94
CA GLU F 160 -2.65 3.76 32.44
C GLU F 160 -3.48 4.84 33.18
N ALA F 161 -2.80 5.67 33.97
CA ALA F 161 -3.51 6.73 34.70
C ALA F 161 -4.05 7.78 33.72
N ASP F 162 -3.24 8.14 32.73
CA ASP F 162 -3.68 9.04 31.68
C ASP F 162 -4.87 8.50 30.87
N ALA F 163 -4.76 7.25 30.42
CA ALA F 163 -5.89 6.59 29.73
C ALA F 163 -7.18 6.68 30.56
N MET F 164 -7.10 6.29 31.82
CA MET F 164 -8.26 6.31 32.72
C MET F 164 -8.86 7.72 32.89
N ARG F 165 -8.02 8.74 32.92
CA ARG F 165 -8.47 10.12 33.02
C ARG F 165 -9.09 10.60 31.70
N GLU F 166 -8.38 10.34 30.60
CA GLU F 166 -8.68 10.91 29.28
C GLU F 166 -9.94 10.37 28.63
N ILE F 167 -10.12 9.05 28.69
CA ILE F 167 -11.26 8.42 28.00
C ILE F 167 -12.62 9.03 28.40
N PRO F 168 -12.92 9.11 29.73
CA PRO F 168 -14.20 9.72 30.14
C PRO F 168 -14.35 11.21 29.74
N ILE F 169 -13.23 11.90 29.54
CA ILE F 169 -13.27 13.28 29.06
C ILE F 169 -13.84 13.33 27.64
N TRP F 170 -13.55 12.33 26.81
CA TRP F 170 -14.03 12.33 25.44
C TRP F 170 -15.27 11.51 25.24
N PHE F 171 -15.47 10.52 26.10
CA PHE F 171 -16.44 9.48 25.83
C PHE F 171 -17.33 9.14 27.01
N LYS F 172 -18.62 9.01 26.72
CA LYS F 172 -19.58 8.44 27.66
C LYS F 172 -19.38 6.92 27.73
N ASP F 173 -19.57 6.36 28.92
CA ASP F 173 -19.54 4.91 29.13
C ASP F 173 -20.25 4.13 28.02
N ASN F 174 -21.45 4.57 27.66
CA ASN F 174 -22.25 3.84 26.67
C ASN F 174 -21.78 4.02 25.20
N GLU F 175 -20.70 4.76 25.01
CA GLU F 175 -20.05 4.93 23.70
C GLU F 175 -18.84 4.02 23.53
N ILE F 176 -18.49 3.27 24.59
CA ILE F 176 -17.41 2.31 24.50
C ILE F 176 -18.06 0.97 24.20
N LEU F 177 -17.76 0.38 23.05
CA LEU F 177 -18.50 -0.79 22.58
C LEU F 177 -17.83 -2.11 22.95
N ASN F 178 -18.65 -3.14 23.09
CA ASN F 178 -18.15 -4.46 23.37
C ASN F 178 -18.53 -5.40 22.20
N TYR F 179 -17.51 -5.98 21.55
CA TYR F 179 -17.74 -6.85 20.39
C TYR F 179 -16.48 -7.64 20.11
N LYS F 180 -16.60 -8.71 19.32
CA LYS F 180 -15.45 -9.52 18.92
C LYS F 180 -14.95 -9.21 17.51
N ARG F 181 -13.67 -8.84 17.42
CA ARG F 181 -12.98 -8.80 16.14
C ARG F 181 -12.81 -10.23 15.62
N ASP F 182 -12.88 -10.43 14.31
CA ASP F 182 -12.76 -11.79 13.75
C ASP F 182 -11.42 -12.48 14.03
N ASP F 183 -10.35 -11.72 14.28
CA ASP F 183 -9.05 -12.32 14.59
C ASP F 183 -8.80 -12.42 16.10
N GLU F 184 -9.85 -12.22 16.89
CA GLU F 184 -9.73 -12.27 18.35
C GLU F 184 -8.87 -13.43 18.90
N CYS F 185 -9.09 -14.65 18.41
CA CYS F 185 -8.38 -15.81 18.98
C CYS F 185 -6.87 -15.74 18.78
N GLU F 186 -6.42 -15.03 17.75
CA GLU F 186 -4.98 -14.87 17.50
C GLU F 186 -4.34 -13.88 18.47
N HIS F 187 -5.14 -13.02 19.10
CA HIS F 187 -4.61 -12.01 20.01
C HIS F 187 -4.90 -12.30 21.47
N TYR F 188 -6.17 -12.53 21.79
CA TYR F 188 -6.58 -12.86 23.17
C TYR F 188 -6.45 -14.34 23.50
N TYR F 189 -6.35 -15.19 22.47
CA TYR F 189 -6.48 -16.65 22.59
C TYR F 189 -7.94 -16.99 22.82
N CYS F 190 -8.30 -18.25 22.56
CA CYS F 190 -9.68 -18.70 22.77
C CYS F 190 -9.72 -20.03 23.46
#